data_4CU8
#
_entry.id   4CU8
#
_cell.length_a   116.550
_cell.length_b   116.550
_cell.length_c   219.510
_cell.angle_alpha   90.00
_cell.angle_beta   90.00
_cell.angle_gamma   90.00
#
_symmetry.space_group_name_H-M   'P 43 2 2'
#
loop_
_entity.id
_entity.type
_entity.pdbx_description
1 polymer 'GLYCOSIDE HYDROLASE 2'
2 non-polymer (2R,3S,4R,5S)-2-(hydroxymethyl)piperidine-3,4,5-triol
3 non-polymer 1,2-ETHANEDIOL
4 non-polymer 'SULFATE ION'
5 water water
#
_entity_poly.entity_id   1
_entity_poly.type   'polypeptide(L)'
_entity_poly.pdbx_seq_one_letter_code
;AVTNEEVNQMIEDRKVDFNQNWYFKLNANSKEAIKPDADVSTWKKLDLPYDWSIFNDFDHESPAQNEGGQLNGGEAWYRK
TFKLDEKDLKKNVRLTFDGVYMDSQVYVNGQLVGHYPNGYNQFSYDITKYLQKDGRENVIAVHAVNKQPSSRWYSGSGIY
RDVTLQVTDKVHVEKNGTTILTPKLEEQQHGKVETHVTSKIVNTDDKDHELVAEYQIVERGGHAVTGLVRTASRTLKAHE
STSLDAILEVERPKLWTVLNDKPALYELITRVYRDGQLVDAKKDLFGYRYYHWTPNEGFSLNGERIKFHGVSLHHDHGAL
GAEENYKAEYRRLKQMKEMGVNSIRTTHNPASEQTLQIAAELGLLVQEEAFDTWYGGKKPYDYGRFFEKDATHPEARKGE
KWSDFDLRTMVERGKNNPAIFMWSIGNEIGEANGDAHSLATVKRLVKVIKDVDKTRYVTMGADKFRFGNGSGGHEKIADE
LDAVGFNYSEDNYKALRAKHPKWLIYGSETSSATRTRGSYYRPERELKHSNGPERNYEQSDYGNDRVGWGKTATASWTFD
RDNAGYAGQFIWTGTDYIGEPTPWHNQNQTPVKSSYFGIVDTAGIPKHDFYLYQSQWVSVKKKPMVHLLPHWNWENKELA
SKVADSEGKIPVRAYSNASSVELFLNGKSLGLKTFNKKQTSDGRTYQEGANANELYLEWKVAYQPGTLEAIARDESGKEI
ARDKITTAGKPAAVRLIKEDHAIAADGKDLTYIYYEIVDSQGNVVPTANNLVRFQLHGQGQLVGVDNGEQASRERYKAQA
DGSWIRKAFNGKGVAIVKSTEQAGKFTLTAHSDLLKSNQVTVFTGKKEG
;
_entity_poly.pdbx_strand_id   A
#
# COMPACT_ATOMS: atom_id res chain seq x y z
N ALA A 1 18.13 -16.41 -36.15
CA ALA A 1 18.44 -15.11 -36.84
C ALA A 1 18.79 -13.98 -35.84
N VAL A 2 17.92 -13.77 -34.86
CA VAL A 2 18.04 -12.63 -33.91
C VAL A 2 18.61 -13.06 -32.54
N THR A 3 19.54 -12.26 -32.03
CA THR A 3 20.23 -12.49 -30.77
C THR A 3 19.33 -12.34 -29.53
N ASN A 4 19.61 -13.13 -28.49
CA ASN A 4 18.91 -13.01 -27.22
C ASN A 4 19.09 -11.63 -26.62
N GLU A 5 20.33 -11.12 -26.72
CA GLU A 5 20.66 -9.74 -26.42
C GLU A 5 19.69 -8.77 -27.13
N GLU A 6 19.51 -8.96 -28.43
CA GLU A 6 18.60 -8.13 -29.19
C GLU A 6 17.13 -8.20 -28.74
N VAL A 7 16.68 -9.38 -28.31
CA VAL A 7 15.30 -9.60 -27.90
C VAL A 7 15.05 -8.88 -26.57
N ASN A 8 16.04 -8.95 -25.69
CA ASN A 8 15.96 -8.22 -24.42
C ASN A 8 15.90 -6.71 -24.62
N GLN A 9 16.65 -6.22 -25.61
CA GLN A 9 16.68 -4.81 -25.96
C GLN A 9 15.31 -4.38 -26.49
N MET A 10 14.78 -5.16 -27.43
CA MET A 10 13.43 -4.91 -27.92
C MET A 10 12.42 -4.82 -26.75
N ILE A 11 12.52 -5.76 -25.80
CA ILE A 11 11.62 -5.78 -24.64
C ILE A 11 11.77 -4.46 -23.89
N GLU A 12 13.01 -4.13 -23.51
CA GLU A 12 13.32 -2.86 -22.87
C GLU A 12 12.76 -1.63 -23.64
N ASP A 13 12.98 -1.56 -24.97
CA ASP A 13 12.54 -0.39 -25.73
C ASP A 13 11.05 -0.30 -25.91
N ARG A 14 10.34 -1.41 -25.68
CA ARG A 14 8.91 -1.47 -25.90
C ARG A 14 8.14 -0.48 -25.01
N LYS A 15 8.66 -0.27 -23.79
CA LYS A 15 8.02 0.55 -22.77
C LYS A 15 9.01 1.59 -22.25
N VAL A 16 8.63 2.87 -22.30
CA VAL A 16 9.44 3.89 -21.65
C VAL A 16 8.70 4.64 -20.57
N ASP A 17 9.48 5.14 -19.64
CA ASP A 17 9.04 6.04 -18.59
C ASP A 17 8.77 7.39 -19.22
N PHE A 18 7.54 7.88 -19.05
CA PHE A 18 7.10 9.10 -19.70
C PHE A 18 6.78 10.24 -18.69
N ASN A 19 7.34 10.12 -17.48
CA ASN A 19 7.07 11.01 -16.37
C ASN A 19 7.73 12.38 -16.50
N GLN A 20 8.76 12.49 -17.32
CA GLN A 20 9.58 13.69 -17.36
C GLN A 20 9.10 14.78 -18.31
N ASN A 21 9.37 16.03 -17.91
CA ASN A 21 9.18 17.23 -18.75
C ASN A 21 7.71 17.53 -19.04
N TRP A 22 6.92 17.59 -17.98
CA TRP A 22 5.54 18.01 -18.07
C TRP A 22 5.42 19.45 -17.56
N TYR A 23 4.32 20.11 -17.90
CA TYR A 23 4.02 21.41 -17.37
C TYR A 23 2.70 21.33 -16.65
N PHE A 24 2.61 22.01 -15.50
CA PHE A 24 1.42 21.99 -14.66
C PHE A 24 0.94 23.41 -14.39
N LYS A 25 -0.38 23.54 -14.33
CA LYS A 25 -1.02 24.80 -14.00
C LYS A 25 -2.43 24.60 -13.47
N LEU A 26 -2.66 25.03 -12.23
CA LEU A 26 -3.97 24.92 -11.60
C LEU A 26 -4.91 25.95 -12.23
N ASN A 27 -6.11 25.52 -12.56
CA ASN A 27 -7.12 26.38 -13.21
C ASN A 27 -6.70 26.98 -14.57
N ALA A 28 -5.78 26.31 -15.28
CA ALA A 28 -5.31 26.82 -16.57
C ALA A 28 -6.44 26.91 -17.59
N ASN A 29 -6.26 27.79 -18.57
CA ASN A 29 -7.22 27.94 -19.65
C ASN A 29 -7.29 26.68 -20.52
N SER A 30 -8.46 26.03 -20.61
CA SER A 30 -8.63 24.84 -21.47
C SER A 30 -8.04 25.02 -22.85
N LYS A 31 -8.48 26.08 -23.55
CA LYS A 31 -8.03 26.36 -24.92
C LYS A 31 -6.51 26.56 -24.99
N GLU A 32 -5.93 27.14 -23.95
CA GLU A 32 -4.50 27.34 -23.91
C GLU A 32 -3.77 26.01 -23.70
N ALA A 33 -4.33 25.16 -22.84
CA ALA A 33 -3.71 23.87 -22.49
C ALA A 33 -3.54 22.93 -23.69
N ILE A 34 -4.62 22.76 -24.48
CA ILE A 34 -4.65 21.80 -25.57
C ILE A 34 -3.97 22.25 -26.87
N LYS A 35 -3.74 23.56 -27.02
CA LYS A 35 -3.24 24.18 -28.28
C LYS A 35 -1.73 24.03 -28.43
N PRO A 36 -1.23 24.01 -29.68
CA PRO A 36 0.21 23.90 -29.89
C PRO A 36 0.95 25.19 -29.55
N ASP A 37 2.27 25.12 -29.47
CA ASP A 37 3.11 26.30 -29.21
C ASP A 37 2.47 27.28 -28.22
N ALA A 38 1.96 26.75 -27.11
CA ALA A 38 1.34 27.57 -26.07
C ALA A 38 2.41 28.19 -25.15
N ASP A 39 2.01 29.25 -24.44
CA ASP A 39 2.91 29.98 -23.53
C ASP A 39 2.92 29.36 -22.12
N VAL A 40 3.99 28.62 -21.84
CA VAL A 40 4.09 27.80 -20.62
C VAL A 40 4.96 28.46 -19.56
N SER A 41 5.36 29.70 -19.83
CA SER A 41 6.20 30.51 -18.92
C SER A 41 5.48 30.76 -17.58
N THR A 42 4.17 30.62 -17.61
CA THR A 42 3.31 30.85 -16.46
C THR A 42 2.94 29.52 -15.76
N TRP A 43 3.54 28.42 -16.24
CA TRP A 43 3.26 27.05 -15.81
C TRP A 43 4.43 26.52 -15.00
N LYS A 44 4.20 25.51 -14.18
CA LYS A 44 5.28 24.84 -13.47
C LYS A 44 5.88 23.64 -14.28
N LYS A 45 7.15 23.74 -14.68
CA LYS A 45 7.85 22.61 -15.28
C LYS A 45 8.21 21.59 -14.19
N LEU A 46 7.86 20.31 -14.41
CA LEU A 46 8.07 19.24 -13.43
C LEU A 46 8.18 17.83 -14.03
N ASP A 47 8.69 16.88 -13.24
CA ASP A 47 8.58 15.46 -13.55
C ASP A 47 7.47 14.82 -12.72
N LEU A 48 6.68 13.97 -13.36
CA LEU A 48 5.63 13.22 -12.68
C LEU A 48 6.22 12.08 -11.83
N PRO A 49 5.44 11.54 -10.87
CA PRO A 49 4.08 11.92 -10.48
C PRO A 49 4.06 13.22 -9.69
N TYR A 50 2.87 13.81 -9.55
CA TYR A 50 2.74 15.10 -8.88
C TYR A 50 1.33 15.22 -8.35
N ASP A 51 1.22 15.17 -7.03
CA ASP A 51 -0.05 15.32 -6.36
C ASP A 51 -0.09 16.76 -5.93
N TRP A 52 -0.95 17.57 -6.56
CA TRP A 52 -0.91 19.03 -6.26
C TRP A 52 -1.49 19.42 -4.89
N SER A 53 -2.34 18.57 -4.32
CA SER A 53 -2.98 18.90 -3.06
C SER A 53 -2.04 18.91 -1.84
N ILE A 54 -0.93 18.17 -1.91
CA ILE A 54 -0.05 17.99 -0.74
C ILE A 54 0.79 19.27 -0.48
N PHE A 55 0.83 20.18 -1.46
CA PHE A 55 1.50 21.45 -1.32
C PHE A 55 0.59 22.53 -0.71
N ASN A 56 -0.72 22.27 -0.61
CA ASN A 56 -1.62 23.24 -0.03
C ASN A 56 -1.35 23.33 1.47
N ASP A 57 -1.80 24.43 2.08
CA ASP A 57 -1.93 24.52 3.52
C ASP A 57 -3.24 23.85 3.92
N PHE A 58 -3.29 23.33 5.13
CA PHE A 58 -4.55 22.85 5.67
C PHE A 58 -5.53 24.01 5.78
N ASP A 59 -6.81 23.71 5.54
CA ASP A 59 -7.82 24.72 5.45
C ASP A 59 -9.00 24.22 6.23
N HIS A 60 -9.29 24.84 7.37
CA HIS A 60 -10.49 24.47 8.17
C HIS A 60 -11.81 24.55 7.39
N GLU A 61 -11.86 25.37 6.33
CA GLU A 61 -13.08 25.51 5.51
C GLU A 61 -13.06 24.61 4.28
N SER A 62 -12.06 23.73 4.17
CA SER A 62 -11.96 22.82 3.02
C SER A 62 -13.25 22.02 2.85
N PRO A 63 -13.79 21.99 1.61
CA PRO A 63 -14.98 21.14 1.39
C PRO A 63 -14.65 19.62 1.52
N ALA A 64 -13.38 19.24 1.44
CA ALA A 64 -12.95 17.89 1.79
C ALA A 64 -13.31 17.47 3.22
N GLN A 65 -13.43 18.46 4.11
CA GLN A 65 -13.51 18.25 5.56
C GLN A 65 -12.27 17.51 6.05
N ASN A 66 -12.19 17.24 7.35
CA ASN A 66 -10.99 16.64 7.87
C ASN A 66 -10.85 15.16 7.41
N GLU A 67 -11.96 14.53 7.10
CA GLU A 67 -11.95 13.19 6.55
C GLU A 67 -11.07 13.12 5.29
N GLY A 68 -11.08 14.18 4.48
CA GLY A 68 -10.20 14.29 3.31
C GLY A 68 -8.91 15.01 3.61
N GLY A 69 -8.64 15.22 4.90
CA GLY A 69 -7.38 15.81 5.38
C GLY A 69 -7.28 17.32 5.19
N GLN A 70 -8.41 17.96 4.89
CA GLN A 70 -8.54 19.42 4.75
C GLN A 70 -7.51 20.02 3.79
N LEU A 71 -7.23 19.27 2.73
CA LEU A 71 -6.39 19.76 1.67
C LEU A 71 -7.23 19.83 0.39
N ASN A 72 -7.30 21.02 -0.17
CA ASN A 72 -8.21 21.29 -1.28
C ASN A 72 -7.78 20.63 -2.57
N GLY A 73 -8.74 20.44 -3.47
CA GLY A 73 -8.58 19.84 -4.76
C GLY A 73 -8.61 20.88 -5.85
N GLY A 74 -9.76 20.98 -6.54
CA GLY A 74 -9.94 21.92 -7.64
C GLY A 74 -9.69 21.26 -8.99
N GLU A 75 -9.14 22.01 -9.93
CA GLU A 75 -8.91 21.44 -11.24
C GLU A 75 -7.63 21.96 -11.86
N ALA A 76 -7.03 21.17 -12.76
CA ALA A 76 -5.75 21.58 -13.30
C ALA A 76 -5.42 20.85 -14.60
N TRP A 77 -4.37 21.31 -15.26
CA TRP A 77 -3.92 20.77 -16.53
C TRP A 77 -2.46 20.42 -16.45
N TYR A 78 -2.10 19.30 -17.06
CA TYR A 78 -0.71 18.97 -17.25
C TYR A 78 -0.57 18.84 -18.77
N ARG A 79 0.62 19.16 -19.26
CA ARG A 79 0.83 19.29 -20.66
C ARG A 79 2.25 18.85 -21.00
N LYS A 80 2.37 18.01 -22.01
CA LYS A 80 3.68 17.55 -22.44
C LYS A 80 3.73 17.58 -23.97
N THR A 81 4.90 17.91 -24.50
CA THR A 81 5.11 17.78 -25.92
C THR A 81 6.23 16.80 -26.20
N PHE A 82 6.05 15.97 -27.23
CA PHE A 82 7.06 14.99 -27.63
C PHE A 82 7.09 14.65 -29.13
N LYS A 83 8.27 14.25 -29.60
CA LYS A 83 8.43 13.78 -30.96
C LYS A 83 8.77 12.30 -30.96
N LEU A 84 8.12 11.54 -31.83
CA LEU A 84 8.52 10.17 -32.18
C LEU A 84 9.86 10.14 -32.94
N ASP A 85 10.76 9.23 -32.56
CA ASP A 85 11.96 9.00 -33.36
C ASP A 85 11.59 8.64 -34.80
N GLU A 86 12.43 9.07 -35.74
CA GLU A 86 12.26 8.72 -37.15
C GLU A 86 11.83 7.24 -37.32
N LYS A 87 12.58 6.34 -36.68
CA LYS A 87 12.37 4.89 -36.81
C LYS A 87 11.03 4.41 -36.24
N ASP A 88 10.34 5.27 -35.49
CA ASP A 88 9.06 4.88 -34.86
C ASP A 88 7.85 5.49 -35.52
N LEU A 89 8.01 6.12 -36.67
CA LEU A 89 6.90 6.86 -37.28
C LEU A 89 5.61 6.06 -37.57
N LYS A 90 5.73 4.83 -38.04
CA LYS A 90 4.55 4.05 -38.39
C LYS A 90 4.16 3.01 -37.32
N LYS A 91 4.61 3.25 -36.10
CA LYS A 91 4.41 2.29 -35.01
C LYS A 91 3.17 2.60 -34.19
N ASN A 92 2.58 1.59 -33.55
CA ASN A 92 1.45 1.83 -32.63
C ASN A 92 1.93 2.50 -31.35
N VAL A 93 1.16 3.47 -30.88
CA VAL A 93 1.60 4.26 -29.74
C VAL A 93 0.50 4.26 -28.68
N ARG A 94 0.85 3.76 -27.47
CA ARG A 94 -0.10 3.70 -26.35
C ARG A 94 0.48 4.40 -25.13
N LEU A 95 -0.41 5.13 -24.48
CA LEU A 95 -0.12 5.94 -23.33
C LEU A 95 -0.88 5.32 -22.18
N THR A 96 -0.17 4.94 -21.11
CA THR A 96 -0.78 4.28 -19.95
C THR A 96 -0.63 5.21 -18.76
N PHE A 97 -1.74 5.42 -18.06
CA PHE A 97 -1.77 6.20 -16.83
C PHE A 97 -2.10 5.24 -15.68
N ASP A 98 -1.16 5.06 -14.74
CA ASP A 98 -1.38 4.13 -13.61
C ASP A 98 -2.43 4.62 -12.63
N GLY A 99 -2.64 5.93 -12.58
CA GLY A 99 -3.73 6.50 -11.81
C GLY A 99 -3.76 7.99 -11.94
N VAL A 100 -4.96 8.53 -12.19
CA VAL A 100 -5.13 9.97 -12.29
C VAL A 100 -6.36 10.33 -11.45
N TYR A 101 -6.20 11.22 -10.48
CA TYR A 101 -7.36 11.50 -9.63
C TYR A 101 -7.94 12.90 -9.86
N MET A 102 -9.15 13.01 -10.41
CA MET A 102 -9.97 11.93 -10.97
C MET A 102 -10.67 12.56 -12.18
N ASP A 103 -11.72 11.92 -12.70
CA ASP A 103 -12.58 12.55 -13.69
C ASP A 103 -11.80 13.20 -14.81
N SER A 104 -10.83 12.48 -15.37
CA SER A 104 -9.83 13.10 -16.24
C SER A 104 -10.22 13.13 -17.74
N GLN A 105 -9.54 14.03 -18.46
CA GLN A 105 -9.64 14.11 -19.91
C GLN A 105 -8.24 14.20 -20.50
N VAL A 106 -8.01 13.43 -21.56
CA VAL A 106 -6.74 13.45 -22.26
C VAL A 106 -6.93 13.97 -23.70
N TYR A 107 -6.10 14.92 -24.10
CA TYR A 107 -6.16 15.54 -25.41
C TYR A 107 -4.84 15.31 -26.08
N VAL A 108 -4.88 14.91 -27.34
CA VAL A 108 -3.68 14.78 -28.15
C VAL A 108 -3.88 15.64 -29.39
N ASN A 109 -3.00 16.62 -29.55
CA ASN A 109 -3.01 17.53 -30.69
C ASN A 109 -4.38 18.18 -30.94
N GLY A 110 -5.04 18.56 -29.85
CA GLY A 110 -6.28 19.30 -29.95
C GLY A 110 -7.52 18.46 -29.78
N GLN A 111 -7.40 17.15 -29.95
CA GLN A 111 -8.60 16.32 -29.94
C GLN A 111 -8.72 15.47 -28.70
N LEU A 112 -9.96 15.24 -28.30
CA LEU A 112 -10.25 14.50 -27.11
C LEU A 112 -10.08 13.03 -27.36
N VAL A 113 -9.07 12.43 -26.72
CA VAL A 113 -8.90 10.98 -26.75
C VAL A 113 -9.89 10.17 -25.89
N GLY A 114 -10.12 10.63 -24.66
CA GLY A 114 -11.06 9.95 -23.77
C GLY A 114 -11.28 10.66 -22.47
N HIS A 115 -12.41 10.35 -21.85
CA HIS A 115 -12.74 10.86 -20.54
C HIS A 115 -12.78 9.67 -19.58
N TYR A 116 -12.05 9.74 -18.48
CA TYR A 116 -11.96 8.59 -17.57
C TYR A 116 -12.27 8.98 -16.13
N PRO A 117 -13.50 8.63 -15.65
CA PRO A 117 -13.82 9.07 -14.28
C PRO A 117 -12.98 8.50 -13.13
N ASN A 118 -12.69 7.19 -13.16
CA ASN A 118 -12.07 6.45 -12.05
C ASN A 118 -10.76 7.11 -11.61
N GLY A 119 -10.62 7.41 -10.32
CA GLY A 119 -9.39 8.06 -9.88
C GLY A 119 -8.24 7.15 -9.50
N TYR A 120 -8.44 5.83 -9.56
CA TYR A 120 -7.46 4.88 -9.04
C TYR A 120 -7.10 3.77 -10.03
N ASN A 121 -8.04 3.41 -10.91
CA ASN A 121 -7.81 2.36 -11.85
C ASN A 121 -6.91 2.82 -12.95
N GLN A 122 -5.98 1.95 -13.37
CA GLN A 122 -5.12 2.23 -14.51
C GLN A 122 -5.93 2.26 -15.83
N PHE A 123 -5.58 3.16 -16.74
CA PHE A 123 -6.23 3.23 -18.04
C PHE A 123 -5.17 3.60 -19.04
N SER A 124 -5.40 3.19 -20.28
CA SER A 124 -4.48 3.51 -21.37
C SER A 124 -5.28 3.86 -22.62
N TYR A 125 -4.63 4.57 -23.53
CA TYR A 125 -5.26 4.94 -24.79
C TYR A 125 -4.27 4.62 -25.92
N ASP A 126 -4.80 4.03 -26.99
CA ASP A 126 -4.09 4.00 -28.25
C ASP A 126 -4.21 5.39 -28.87
N ILE A 127 -3.11 6.13 -28.93
CA ILE A 127 -3.12 7.50 -29.45
C ILE A 127 -2.53 7.61 -30.86
N THR A 128 -2.30 6.48 -31.50
CA THR A 128 -1.60 6.44 -32.78
C THR A 128 -2.21 7.41 -33.80
N LYS A 129 -3.53 7.32 -33.94
CA LYS A 129 -4.28 8.05 -34.99
C LYS A 129 -4.33 9.56 -34.75
N TYR A 130 -3.99 9.97 -33.54
CA TYR A 130 -4.04 11.37 -33.13
C TYR A 130 -2.69 12.07 -33.31
N LEU A 131 -1.70 11.32 -33.76
CA LEU A 131 -0.36 11.88 -33.90
C LEU A 131 -0.12 12.60 -35.24
N GLN A 132 0.90 13.46 -35.29
CA GLN A 132 1.29 14.17 -36.49
C GLN A 132 2.04 13.23 -37.43
N LYS A 133 1.87 13.47 -38.74
CA LYS A 133 2.69 12.85 -39.78
C LYS A 133 4.12 13.43 -39.78
N ASP A 134 5.04 12.74 -40.46
CA ASP A 134 6.40 13.26 -40.74
C ASP A 134 7.27 13.56 -39.51
N GLY A 135 6.66 13.56 -38.31
CA GLY A 135 7.44 13.63 -37.08
C GLY A 135 7.56 14.97 -36.36
N ARG A 136 6.71 15.92 -36.72
N ARG A 136 6.69 15.91 -36.71
CA ARG A 136 6.60 17.17 -35.96
CA ARG A 136 6.57 17.16 -35.97
C ARG A 136 6.00 16.84 -34.59
C ARG A 136 5.91 16.88 -34.60
N GLU A 137 6.20 17.71 -33.61
CA GLU A 137 5.84 17.40 -32.24
C GLU A 137 4.35 17.29 -31.92
N ASN A 138 4.04 16.48 -30.92
CA ASN A 138 2.66 16.30 -30.46
C ASN A 138 2.42 16.92 -29.10
N VAL A 139 1.18 17.30 -28.84
CA VAL A 139 0.81 17.91 -27.57
C VAL A 139 -0.11 17.00 -26.79
N ILE A 140 0.38 16.47 -25.65
CA ILE A 140 -0.51 15.75 -24.71
C ILE A 140 -0.96 16.76 -23.66
N ALA A 141 -2.27 16.83 -23.47
CA ALA A 141 -2.81 17.66 -22.43
C ALA A 141 -3.76 16.83 -21.59
N VAL A 142 -3.54 16.84 -20.27
CA VAL A 142 -4.36 16.08 -19.31
C VAL A 142 -5.04 17.03 -18.32
N HIS A 143 -6.35 16.89 -18.21
CA HIS A 143 -7.14 17.72 -17.32
C HIS A 143 -7.59 16.79 -16.24
N ALA A 144 -7.30 17.18 -14.99
CA ALA A 144 -7.70 16.40 -13.82
C ALA A 144 -8.56 17.24 -12.87
N VAL A 145 -9.64 16.64 -12.39
CA VAL A 145 -10.57 17.37 -11.55
C VAL A 145 -10.76 16.63 -10.21
N ASN A 146 -10.51 17.32 -9.11
CA ASN A 146 -10.92 16.83 -7.81
C ASN A 146 -11.89 17.80 -7.18
N LYS A 147 -13.16 17.49 -7.36
CA LYS A 147 -14.24 18.31 -6.88
C LYS A 147 -14.66 17.65 -5.60
N GLN A 148 -14.73 18.43 -4.52
CA GLN A 148 -14.90 17.87 -3.18
C GLN A 148 -16.25 18.21 -2.54
N PRO A 149 -16.81 17.33 -1.65
CA PRO A 149 -16.06 16.11 -1.32
C PRO A 149 -16.26 14.88 -2.23
N SER A 150 -15.15 14.25 -2.61
CA SER A 150 -15.16 13.02 -3.39
C SER A 150 -14.59 11.82 -2.65
N SER A 151 -14.24 11.97 -1.38
CA SER A 151 -13.47 10.92 -0.71
C SER A 151 -13.65 10.83 0.78
N ARG A 152 -13.65 9.61 1.30
CA ARG A 152 -13.70 9.42 2.78
C ARG A 152 -12.30 9.42 3.40
N TRP A 153 -11.26 9.65 2.59
CA TRP A 153 -9.87 9.68 3.07
C TRP A 153 -9.09 10.66 2.23
N TYR A 154 -7.83 10.92 2.56
CA TYR A 154 -7.06 11.77 1.65
C TYR A 154 -6.82 11.08 0.27
N SER A 155 -7.29 11.71 -0.79
CA SER A 155 -7.06 11.18 -2.14
C SER A 155 -5.83 11.73 -2.83
N GLY A 156 -5.52 13.01 -2.58
CA GLY A 156 -4.58 13.73 -3.46
C GLY A 156 -5.34 14.17 -4.73
N SER A 157 -4.63 14.83 -5.64
CA SER A 157 -5.24 15.35 -6.87
C SER A 157 -4.21 15.27 -7.98
N GLY A 158 -4.65 14.84 -9.17
CA GLY A 158 -3.77 14.89 -10.34
C GLY A 158 -3.18 13.57 -10.77
N ILE A 159 -2.01 13.64 -11.38
CA ILE A 159 -1.35 12.48 -11.92
C ILE A 159 -0.36 12.01 -10.85
N TYR A 160 -0.84 11.17 -9.95
CA TYR A 160 -0.12 10.84 -8.73
C TYR A 160 0.67 9.50 -8.87
N ARG A 161 0.43 8.77 -9.99
CA ARG A 161 1.16 7.55 -10.32
C ARG A 161 1.85 7.69 -11.69
N ASP A 162 2.74 6.77 -12.05
CA ASP A 162 3.49 6.85 -13.28
C ASP A 162 2.62 6.91 -14.52
N VAL A 163 3.23 7.41 -15.58
CA VAL A 163 2.67 7.40 -16.93
C VAL A 163 3.73 6.76 -17.79
N THR A 164 3.30 5.87 -18.66
CA THR A 164 4.24 5.12 -19.49
C THR A 164 3.81 5.14 -20.98
N LEU A 165 4.80 5.01 -21.85
CA LEU A 165 4.61 4.98 -23.26
C LEU A 165 5.03 3.64 -23.84
N GLN A 166 4.16 3.05 -24.64
CA GLN A 166 4.45 1.83 -25.34
C GLN A 166 4.50 2.09 -26.85
N VAL A 167 5.64 1.83 -27.45
CA VAL A 167 5.82 2.00 -28.86
C VAL A 167 6.08 0.65 -29.52
N THR A 168 5.09 0.14 -30.24
CA THR A 168 5.12 -1.19 -30.82
C THR A 168 4.87 -1.25 -32.31
N ASP A 169 5.20 -2.39 -32.90
CA ASP A 169 4.80 -2.70 -34.27
C ASP A 169 3.29 -2.71 -34.45
N LYS A 170 2.83 -2.54 -35.69
CA LYS A 170 1.38 -2.54 -35.97
C LYS A 170 0.77 -3.86 -35.51
N VAL A 171 1.61 -4.92 -35.49
CA VAL A 171 1.23 -6.27 -35.07
C VAL A 171 1.92 -6.52 -33.74
N HIS A 172 1.13 -6.65 -32.67
CA HIS A 172 1.68 -6.67 -31.30
C HIS A 172 0.77 -7.33 -30.31
N VAL A 173 1.36 -7.72 -29.18
CA VAL A 173 0.57 -8.19 -28.03
C VAL A 173 -0.18 -6.99 -27.44
N GLU A 174 -1.50 -7.08 -27.44
CA GLU A 174 -2.34 -6.02 -26.91
C GLU A 174 -2.10 -5.77 -25.39
N LYS A 175 -2.42 -4.56 -24.95
CA LYS A 175 -2.37 -4.19 -23.56
C LYS A 175 -3.07 -5.25 -22.74
N ASN A 176 -2.40 -5.79 -21.72
CA ASN A 176 -3.00 -6.81 -20.84
C ASN A 176 -3.38 -8.10 -21.59
N GLY A 177 -2.72 -8.35 -22.72
CA GLY A 177 -3.06 -9.49 -23.58
C GLY A 177 -2.59 -10.88 -23.13
N THR A 178 -1.66 -10.95 -22.17
CA THR A 178 -1.10 -12.22 -21.71
C THR A 178 -1.87 -12.89 -20.57
N THR A 179 -2.15 -14.17 -20.74
CA THR A 179 -2.68 -14.99 -19.66
C THR A 179 -1.75 -16.17 -19.40
N ILE A 180 -1.37 -16.35 -18.14
CA ILE A 180 -0.52 -17.44 -17.73
C ILE A 180 -1.19 -18.22 -16.63
N LEU A 181 -1.40 -19.52 -16.85
CA LEU A 181 -2.08 -20.41 -15.92
C LEU A 181 -1.28 -21.69 -15.65
N THR A 182 -1.39 -22.21 -14.45
CA THR A 182 -0.75 -23.45 -14.04
C THR A 182 -1.80 -24.34 -13.34
N PRO A 183 -2.78 -24.86 -14.11
CA PRO A 183 -3.97 -25.48 -13.49
C PRO A 183 -3.73 -26.80 -12.80
N LYS A 184 -2.60 -27.46 -13.04
CA LYS A 184 -2.31 -28.77 -12.42
C LYS A 184 -1.09 -28.73 -11.54
N LEU A 185 -0.74 -27.54 -11.09
CA LEU A 185 0.46 -27.32 -10.28
C LEU A 185 0.59 -28.20 -9.06
N GLU A 186 -0.49 -28.41 -8.30
CA GLU A 186 -0.34 -29.18 -7.06
C GLU A 186 0.07 -30.62 -7.37
N GLU A 187 -0.56 -31.16 -8.40
CA GLU A 187 -0.31 -32.49 -8.86
C GLU A 187 1.08 -32.62 -9.56
N GLN A 188 1.49 -31.61 -10.31
CA GLN A 188 2.68 -31.69 -11.17
C GLN A 188 3.97 -31.17 -10.57
N GLN A 189 3.87 -30.56 -9.38
CA GLN A 189 4.94 -29.75 -8.80
C GLN A 189 6.29 -30.45 -8.63
N HIS A 190 6.28 -31.76 -8.40
CA HIS A 190 7.54 -32.50 -8.27
C HIS A 190 8.13 -32.95 -9.62
N GLY A 191 7.46 -32.59 -10.72
CA GLY A 191 7.98 -32.88 -12.03
C GLY A 191 7.80 -31.71 -13.01
N LYS A 192 7.42 -32.03 -14.24
CA LYS A 192 7.13 -31.04 -15.25
C LYS A 192 5.78 -30.34 -14.99
N VAL A 193 5.80 -29.03 -14.79
CA VAL A 193 4.57 -28.27 -14.61
C VAL A 193 4.08 -27.64 -15.92
N GLU A 194 2.87 -28.01 -16.36
CA GLU A 194 2.29 -27.38 -17.55
C GLU A 194 1.94 -25.92 -17.31
N THR A 195 2.52 -25.05 -18.13
CA THR A 195 2.25 -23.62 -18.03
C THR A 195 1.50 -23.19 -19.31
N HIS A 196 0.19 -22.98 -19.17
CA HIS A 196 -0.67 -22.59 -20.28
C HIS A 196 -0.62 -21.10 -20.48
N VAL A 197 -0.09 -20.66 -21.62
CA VAL A 197 0.06 -19.25 -21.94
C VAL A 197 -0.84 -18.86 -23.10
N THR A 198 -1.34 -17.63 -23.04
CA THR A 198 -2.25 -17.10 -24.06
C THR A 198 -1.84 -15.68 -24.37
N SER A 199 -1.78 -15.35 -25.66
CA SER A 199 -1.55 -13.99 -26.08
C SER A 199 -2.68 -13.48 -26.98
N LYS A 200 -3.32 -12.38 -26.58
CA LYS A 200 -4.20 -11.65 -27.47
C LYS A 200 -3.34 -10.77 -28.35
N ILE A 201 -3.18 -11.15 -29.62
CA ILE A 201 -2.41 -10.37 -30.60
C ILE A 201 -3.36 -9.58 -31.48
N VAL A 202 -2.98 -8.36 -31.78
CA VAL A 202 -3.78 -7.50 -32.62
C VAL A 202 -2.99 -7.14 -33.89
N ASN A 203 -3.70 -7.05 -35.01
CA ASN A 203 -3.12 -6.61 -36.27
C ASN A 203 -3.71 -5.26 -36.64
N THR A 204 -2.99 -4.18 -36.32
CA THR A 204 -3.55 -2.85 -36.56
C THR A 204 -3.24 -2.34 -37.97
N ASP A 205 -2.49 -3.13 -38.76
CA ASP A 205 -2.19 -2.81 -40.15
C ASP A 205 -3.45 -2.94 -41.01
N ASP A 206 -3.40 -2.37 -42.21
CA ASP A 206 -4.52 -2.50 -43.16
C ASP A 206 -4.23 -3.61 -44.18
N LYS A 207 -3.05 -4.22 -44.07
CA LYS A 207 -2.67 -5.44 -44.79
C LYS A 207 -2.80 -6.68 -43.88
N ASP A 208 -3.07 -7.84 -44.49
CA ASP A 208 -3.09 -9.11 -43.78
C ASP A 208 -1.66 -9.55 -43.43
N HIS A 209 -1.52 -10.27 -42.33
CA HIS A 209 -0.18 -10.75 -41.95
C HIS A 209 -0.16 -12.17 -41.44
N GLU A 210 0.96 -12.83 -41.72
CA GLU A 210 1.25 -14.17 -41.20
C GLU A 210 1.86 -14.06 -39.79
N LEU A 211 1.25 -14.77 -38.83
CA LEU A 211 1.60 -14.63 -37.41
C LEU A 211 2.10 -15.91 -36.71
N VAL A 212 3.24 -15.80 -36.04
CA VAL A 212 3.77 -16.88 -35.20
C VAL A 212 4.13 -16.23 -33.88
N ALA A 213 3.80 -16.92 -32.77
CA ALA A 213 4.32 -16.55 -31.43
C ALA A 213 5.32 -17.59 -30.91
N GLU A 214 6.33 -17.10 -30.22
CA GLU A 214 7.36 -17.92 -29.65
C GLU A 214 7.53 -17.55 -28.18
N TYR A 215 7.53 -18.55 -27.30
CA TYR A 215 7.56 -18.34 -25.87
C TYR A 215 8.77 -18.94 -25.21
N GLN A 216 9.22 -18.35 -24.11
CA GLN A 216 10.20 -18.96 -23.23
C GLN A 216 9.97 -18.50 -21.79
N ILE A 217 10.12 -19.40 -20.83
CA ILE A 217 10.06 -18.99 -19.43
C ILE A 217 11.45 -18.92 -18.83
N VAL A 218 11.73 -17.85 -18.09
CA VAL A 218 12.98 -17.69 -17.35
C VAL A 218 12.69 -17.37 -15.89
N GLU A 219 13.61 -17.75 -15.00
CA GLU A 219 13.58 -17.28 -13.63
C GLU A 219 13.85 -15.78 -13.65
N ARG A 220 13.02 -14.98 -12.98
CA ARG A 220 13.30 -13.56 -12.81
C ARG A 220 14.66 -13.37 -12.13
N GLY A 221 15.52 -12.59 -12.76
CA GLY A 221 16.94 -12.45 -12.34
C GLY A 221 17.64 -13.82 -12.20
N GLY A 222 17.39 -14.72 -13.16
CA GLY A 222 17.92 -16.08 -13.11
C GLY A 222 18.05 -16.60 -14.53
N HIS A 223 18.05 -17.91 -14.67
CA HIS A 223 18.28 -18.53 -15.98
C HIS A 223 17.00 -19.00 -16.64
N ALA A 224 17.07 -19.34 -17.93
CA ALA A 224 15.95 -19.93 -18.68
C ALA A 224 15.51 -21.28 -18.11
N VAL A 225 14.21 -21.57 -18.14
CA VAL A 225 13.74 -22.87 -17.67
C VAL A 225 12.97 -23.65 -18.73
N THR A 226 12.88 -23.05 -19.94
CA THR A 226 12.38 -23.76 -21.08
C THR A 226 13.22 -23.35 -22.25
N GLY A 227 13.04 -24.05 -23.37
CA GLY A 227 13.50 -23.51 -24.66
C GLY A 227 12.39 -22.66 -25.27
N LEU A 228 12.46 -22.50 -26.60
CA LEU A 228 11.47 -21.77 -27.33
C LEU A 228 10.32 -22.69 -27.75
N VAL A 229 9.08 -22.28 -27.48
CA VAL A 229 7.91 -23.04 -27.90
C VAL A 229 7.14 -22.18 -28.92
N ARG A 230 7.05 -22.65 -30.18
CA ARG A 230 6.34 -21.94 -31.28
C ARG A 230 4.87 -22.33 -31.44
N THR A 231 4.05 -21.37 -31.83
CA THR A 231 2.68 -21.67 -32.25
C THR A 231 2.71 -21.93 -33.76
N ALA A 232 1.68 -22.62 -34.27
CA ALA A 232 1.46 -22.77 -35.72
C ALA A 232 1.29 -21.40 -36.42
N SER A 233 1.94 -21.26 -37.58
CA SER A 233 1.80 -20.04 -38.36
C SER A 233 0.37 -19.92 -38.91
N ARG A 234 -0.30 -18.83 -38.61
CA ARG A 234 -1.66 -18.62 -39.09
C ARG A 234 -1.78 -17.18 -39.61
N THR A 235 -2.80 -16.96 -40.44
CA THR A 235 -3.06 -15.61 -40.97
C THR A 235 -3.86 -14.82 -39.96
N LEU A 236 -3.40 -13.60 -39.69
CA LEU A 236 -4.21 -12.63 -38.94
C LEU A 236 -4.60 -11.50 -39.88
N LYS A 237 -5.91 -11.38 -40.11
CA LYS A 237 -6.40 -10.40 -41.09
C LYS A 237 -6.23 -8.95 -40.60
N ALA A 238 -6.13 -8.03 -41.55
CA ALA A 238 -6.11 -6.59 -41.28
C ALA A 238 -7.22 -6.19 -40.35
N HIS A 239 -6.85 -5.35 -39.37
CA HIS A 239 -7.75 -4.81 -38.33
C HIS A 239 -8.40 -5.85 -37.43
N GLU A 240 -7.80 -7.03 -37.38
CA GLU A 240 -8.35 -8.11 -36.56
C GLU A 240 -7.41 -8.53 -35.42
N SER A 241 -7.97 -9.27 -34.48
CA SER A 241 -7.18 -9.76 -33.37
C SER A 241 -7.48 -11.24 -33.11
N THR A 242 -6.54 -11.95 -32.50
CA THR A 242 -6.71 -13.40 -32.26
C THR A 242 -6.00 -13.77 -30.96
N SER A 243 -6.40 -14.89 -30.35
CA SER A 243 -5.65 -15.44 -29.23
C SER A 243 -4.81 -16.63 -29.68
N LEU A 244 -3.49 -16.49 -29.55
CA LEU A 244 -2.58 -17.60 -29.70
C LEU A 244 -2.38 -18.27 -28.35
N ASP A 245 -2.06 -19.57 -28.36
CA ASP A 245 -1.62 -20.21 -27.12
C ASP A 245 -0.66 -21.38 -27.28
N ALA A 246 -0.11 -21.81 -26.15
CA ALA A 246 0.95 -22.80 -26.10
C ALA A 246 1.02 -23.35 -24.70
N ILE A 247 1.53 -24.57 -24.57
CA ILE A 247 1.85 -25.10 -23.25
C ILE A 247 3.38 -25.21 -23.13
N LEU A 248 3.95 -24.66 -22.05
CA LEU A 248 5.35 -24.89 -21.76
C LEU A 248 5.47 -25.72 -20.51
N GLU A 249 6.53 -26.51 -20.41
CA GLU A 249 6.78 -27.35 -19.24
C GLU A 249 7.98 -26.89 -18.45
N VAL A 250 7.79 -26.68 -17.16
CA VAL A 250 8.88 -26.26 -16.29
C VAL A 250 9.06 -27.33 -15.23
N GLU A 251 10.29 -27.76 -15.07
CA GLU A 251 10.65 -28.84 -14.17
C GLU A 251 10.75 -28.30 -12.73
N ARG A 252 10.00 -28.88 -11.80
CA ARG A 252 10.14 -28.59 -10.38
C ARG A 252 10.34 -27.11 -10.07
N PRO A 253 9.41 -26.23 -10.50
CA PRO A 253 9.58 -24.79 -10.27
C PRO A 253 9.65 -24.47 -8.79
N LYS A 254 10.38 -23.40 -8.44
CA LYS A 254 10.36 -22.92 -7.06
C LYS A 254 9.03 -22.21 -6.81
N LEU A 255 8.34 -22.58 -5.73
CA LEU A 255 7.00 -22.07 -5.50
C LEU A 255 7.00 -20.73 -4.75
N TRP A 256 6.31 -19.74 -5.33
CA TRP A 256 6.05 -18.44 -4.72
C TRP A 256 5.29 -18.62 -3.42
N THR A 257 5.74 -17.94 -2.37
CA THR A 257 5.08 -18.08 -1.06
C THR A 257 5.34 -16.87 -0.18
N VAL A 258 4.44 -16.62 0.77
CA VAL A 258 4.65 -15.59 1.81
C VAL A 258 5.69 -16.05 2.84
N LEU A 259 5.98 -17.35 2.92
CA LEU A 259 6.83 -17.90 4.00
C LEU A 259 8.33 -17.65 3.83
N ASN A 260 8.72 -16.99 2.76
CA ASN A 260 10.02 -16.38 2.76
C ASN A 260 9.95 -14.92 2.27
N ASP A 261 11.03 -14.17 2.42
CA ASP A 261 10.98 -12.71 2.09
C ASP A 261 11.56 -12.36 0.75
N LYS A 262 11.90 -13.38 -0.03
CA LYS A 262 12.40 -13.16 -1.37
C LYS A 262 11.85 -14.28 -2.26
N PRO A 263 10.52 -14.37 -2.40
CA PRO A 263 9.95 -15.53 -3.10
C PRO A 263 10.33 -15.62 -4.56
N ALA A 264 10.29 -16.85 -5.07
CA ALA A 264 10.63 -17.13 -6.48
C ALA A 264 9.62 -16.50 -7.47
N LEU A 265 10.12 -15.75 -8.44
CA LEU A 265 9.28 -15.22 -9.49
C LEU A 265 9.79 -15.64 -10.86
N TYR A 266 8.89 -15.76 -11.84
CA TYR A 266 9.29 -16.16 -13.19
C TYR A 266 8.82 -15.11 -14.17
N GLU A 267 9.33 -15.17 -15.40
CA GLU A 267 8.80 -14.31 -16.48
C GLU A 267 8.61 -15.10 -17.76
N LEU A 268 7.49 -14.84 -18.42
CA LEU A 268 7.24 -15.33 -19.76
C LEU A 268 7.83 -14.31 -20.72
N ILE A 269 8.69 -14.76 -21.63
CA ILE A 269 9.15 -13.95 -22.75
C ILE A 269 8.29 -14.29 -23.96
N THR A 270 7.66 -13.29 -24.55
CA THR A 270 6.90 -13.48 -25.78
C THR A 270 7.62 -12.79 -26.94
N ARG A 271 7.87 -13.55 -28.00
N ARG A 271 7.86 -13.55 -28.00
CA ARG A 271 8.41 -13.05 -29.26
CA ARG A 271 8.38 -13.03 -29.24
C ARG A 271 7.30 -13.17 -30.29
C ARG A 271 7.28 -13.17 -30.30
N VAL A 272 7.03 -12.08 -31.02
CA VAL A 272 5.99 -12.05 -32.06
C VAL A 272 6.60 -11.86 -33.46
N TYR A 273 6.22 -12.75 -34.38
CA TYR A 273 6.72 -12.71 -35.76
C TYR A 273 5.64 -12.29 -36.74
N ARG A 274 5.98 -11.30 -37.56
CA ARG A 274 5.12 -10.83 -38.64
C ARG A 274 5.80 -11.25 -39.94
N ASP A 275 5.20 -12.20 -40.64
CA ASP A 275 5.80 -12.79 -41.85
C ASP A 275 7.26 -13.19 -41.65
N GLY A 276 7.51 -13.95 -40.58
CA GLY A 276 8.84 -14.48 -40.27
C GLY A 276 9.84 -13.44 -39.79
N GLN A 277 9.35 -12.26 -39.44
CA GLN A 277 10.21 -11.19 -38.91
C GLN A 277 9.80 -10.94 -37.48
N LEU A 278 10.77 -10.89 -36.59
CA LEU A 278 10.51 -10.55 -35.18
C LEU A 278 10.17 -9.07 -35.08
N VAL A 279 8.90 -8.76 -34.77
CA VAL A 279 8.43 -7.37 -34.74
C VAL A 279 8.05 -6.85 -33.34
N ASP A 280 7.74 -7.77 -32.43
CA ASP A 280 7.31 -7.43 -31.09
C ASP A 280 7.81 -8.44 -30.05
N ALA A 281 8.23 -7.94 -28.90
CA ALA A 281 8.73 -8.80 -27.83
C ALA A 281 8.41 -8.18 -26.47
N LYS A 282 8.14 -9.03 -25.48
CA LYS A 282 7.44 -8.61 -24.27
C LYS A 282 7.82 -9.55 -23.12
N LYS A 283 7.79 -9.06 -21.89
CA LYS A 283 7.90 -9.96 -20.75
C LYS A 283 6.70 -9.81 -19.84
N ASP A 284 6.31 -10.89 -19.15
CA ASP A 284 5.22 -10.88 -18.17
C ASP A 284 5.64 -11.61 -16.93
N LEU A 285 5.59 -10.92 -15.80
CA LEU A 285 5.93 -11.49 -14.50
C LEU A 285 4.84 -12.45 -14.03
N PHE A 286 5.22 -13.57 -13.44
CA PHE A 286 4.23 -14.49 -12.78
C PHE A 286 4.92 -15.37 -11.75
N GLY A 287 4.17 -16.23 -11.08
CA GLY A 287 4.75 -17.19 -10.16
C GLY A 287 4.01 -18.51 -10.15
N TYR A 288 4.63 -19.53 -9.54
CA TYR A 288 3.95 -20.83 -9.35
C TYR A 288 3.52 -20.92 -7.91
N ARG A 289 2.22 -20.83 -7.69
CA ARG A 289 1.68 -21.08 -6.37
C ARG A 289 0.26 -21.67 -6.52
N TYR A 290 -0.17 -22.43 -5.52
CA TYR A 290 -1.53 -22.91 -5.46
C TYR A 290 -2.04 -22.72 -4.05
N TYR A 291 -3.36 -22.71 -3.89
CA TYR A 291 -3.96 -22.48 -2.57
C TYR A 291 -5.35 -23.11 -2.49
N HIS A 292 -5.82 -23.28 -1.27
CA HIS A 292 -7.07 -23.91 -1.01
C HIS A 292 -7.65 -23.25 0.24
N TRP A 293 -8.97 -23.31 0.37
CA TRP A 293 -9.63 -22.63 1.49
C TRP A 293 -10.85 -23.47 1.80
N THR A 294 -10.99 -23.92 3.03
CA THR A 294 -12.18 -24.66 3.45
C THR A 294 -12.90 -23.93 4.60
N PRO A 295 -14.22 -24.22 4.79
CA PRO A 295 -14.95 -23.49 5.82
C PRO A 295 -14.38 -23.62 7.24
N ASN A 296 -13.91 -24.80 7.65
CA ASN A 296 -13.49 -24.98 9.06
C ASN A 296 -12.02 -24.90 9.36
N GLU A 297 -11.20 -25.07 8.34
N GLU A 297 -11.20 -25.10 8.33
CA GLU A 297 -9.75 -25.00 8.51
CA GLU A 297 -9.74 -25.04 8.51
C GLU A 297 -9.14 -23.68 8.03
C GLU A 297 -9.09 -23.76 7.92
N GLY A 298 -9.82 -23.02 7.11
CA GLY A 298 -9.30 -21.78 6.56
C GLY A 298 -8.40 -21.98 5.35
N PHE A 299 -7.34 -21.20 5.29
CA PHE A 299 -6.54 -21.07 4.10
C PHE A 299 -5.25 -21.88 4.16
N SER A 300 -4.79 -22.33 3.01
CA SER A 300 -3.46 -22.94 2.92
C SER A 300 -2.84 -22.51 1.62
N LEU A 301 -1.53 -22.33 1.64
CA LEU A 301 -0.79 -21.88 0.48
C LEU A 301 0.28 -22.92 0.18
N ASN A 302 0.28 -23.41 -1.05
CA ASN A 302 1.09 -24.57 -1.45
C ASN A 302 1.03 -25.72 -0.45
N GLY A 303 -0.16 -25.97 0.09
CA GLY A 303 -0.34 -26.99 1.12
C GLY A 303 0.02 -26.66 2.57
N GLU A 304 0.60 -25.47 2.82
CA GLU A 304 0.89 -25.02 4.19
C GLU A 304 -0.26 -24.16 4.72
N ARG A 305 -0.87 -24.60 5.82
CA ARG A 305 -1.93 -23.83 6.48
C ARG A 305 -1.38 -22.53 7.03
N ILE A 306 -2.04 -21.41 6.73
CA ILE A 306 -1.65 -20.12 7.32
C ILE A 306 -2.89 -19.31 7.65
N LYS A 307 -2.70 -18.27 8.46
CA LYS A 307 -3.71 -17.27 8.59
C LYS A 307 -3.29 -16.01 7.85
N PHE A 308 -4.26 -15.24 7.36
CA PHE A 308 -3.92 -13.93 6.81
C PHE A 308 -3.61 -13.05 8.00
N HIS A 309 -2.33 -12.74 8.19
CA HIS A 309 -1.94 -11.74 9.13
C HIS A 309 -1.85 -10.47 8.32
N GLY A 310 -2.95 -9.77 8.21
CA GLY A 310 -3.06 -8.77 7.16
C GLY A 310 -3.31 -7.36 7.64
N VAL A 311 -3.00 -6.42 6.76
CA VAL A 311 -3.31 -5.03 6.99
C VAL A 311 -4.02 -4.44 5.77
N SER A 312 -4.90 -3.48 6.08
CA SER A 312 -5.46 -2.58 5.11
C SER A 312 -4.53 -1.40 4.95
N LEU A 313 -4.42 -0.91 3.71
CA LEU A 313 -3.55 0.21 3.43
C LEU A 313 -4.19 1.19 2.48
N HIS A 314 -4.14 2.49 2.83
CA HIS A 314 -4.46 3.53 1.87
C HIS A 314 -3.21 3.82 1.07
N HIS A 315 -3.32 4.71 0.10
CA HIS A 315 -2.30 4.81 -0.90
C HIS A 315 -1.27 5.91 -0.63
N ASP A 316 -1.61 6.88 0.21
CA ASP A 316 -0.72 8.02 0.41
C ASP A 316 0.55 7.62 1.21
N HIS A 317 1.62 8.39 1.04
CA HIS A 317 2.84 8.15 1.81
C HIS A 317 3.18 9.31 2.72
N GLY A 318 2.19 9.83 3.45
CA GLY A 318 2.44 10.87 4.45
C GLY A 318 2.92 12.13 3.78
N ALA A 319 4.20 12.49 4.02
CA ALA A 319 4.73 13.74 3.45
C ALA A 319 4.83 13.71 1.94
N LEU A 320 4.78 12.52 1.35
CA LEU A 320 4.76 12.44 -0.11
C LEU A 320 3.36 12.66 -0.66
N GLY A 321 2.35 12.75 0.21
CA GLY A 321 0.98 12.77 -0.27
C GLY A 321 0.66 11.56 -1.11
N ALA A 322 -0.08 11.76 -2.20
CA ALA A 322 -0.46 10.65 -3.07
C ALA A 322 0.64 10.21 -4.05
N GLU A 323 1.72 10.98 -4.14
CA GLU A 323 2.80 10.62 -5.06
C GLU A 323 3.25 9.17 -4.82
N GLU A 324 2.99 8.27 -5.78
CA GLU A 324 3.47 6.91 -5.62
C GLU A 324 4.96 6.87 -5.94
N ASN A 325 5.68 6.08 -5.17
CA ASN A 325 7.13 5.95 -5.30
C ASN A 325 7.57 4.54 -4.90
N TYR A 326 8.40 3.92 -5.75
CA TYR A 326 8.88 2.55 -5.51
C TYR A 326 9.57 2.42 -4.16
N LYS A 327 10.55 3.27 -3.89
CA LYS A 327 11.23 3.20 -2.60
C LYS A 327 10.29 3.41 -1.39
N ALA A 328 9.42 4.40 -1.46
CA ALA A 328 8.49 4.66 -0.38
C ALA A 328 7.59 3.43 -0.13
N GLU A 329 7.02 2.84 -1.17
CA GLU A 329 6.13 1.72 -1.00
C GLU A 329 6.91 0.45 -0.56
N TYR A 330 8.14 0.27 -1.05
CA TYR A 330 8.99 -0.83 -0.64
C TYR A 330 9.29 -0.76 0.84
N ARG A 331 9.71 0.42 1.26
CA ARG A 331 9.97 0.69 2.65
C ARG A 331 8.83 0.28 3.54
N ARG A 332 7.63 0.66 3.12
CA ARG A 332 6.47 0.43 3.94
C ARG A 332 6.06 -1.04 3.93
N LEU A 333 6.06 -1.68 2.76
CA LEU A 333 5.70 -3.10 2.69
C LEU A 333 6.75 -4.02 3.35
N LYS A 334 8.02 -3.63 3.28
CA LYS A 334 9.11 -4.33 3.97
C LYS A 334 8.87 -4.22 5.48
N GLN A 335 8.45 -3.05 5.95
CA GLN A 335 8.12 -2.83 7.36
C GLN A 335 6.96 -3.71 7.82
N MET A 336 5.93 -3.82 6.98
CA MET A 336 4.81 -4.70 7.26
C MET A 336 5.30 -6.14 7.38
N LYS A 337 6.15 -6.54 6.42
CA LYS A 337 6.73 -7.87 6.42
C LYS A 337 7.53 -8.12 7.71
N GLU A 338 8.32 -7.14 8.14
N GLU A 338 8.34 -7.15 8.15
CA GLU A 338 9.08 -7.26 9.39
CA GLU A 338 9.10 -7.33 9.39
C GLU A 338 8.19 -7.45 10.62
C GLU A 338 8.21 -7.37 10.64
N MET A 339 6.94 -7.02 10.49
CA MET A 339 5.98 -7.13 11.60
C MET A 339 5.35 -8.52 11.65
N GLY A 340 5.50 -9.28 10.57
CA GLY A 340 4.91 -10.58 10.47
C GLY A 340 3.65 -10.55 9.61
N VAL A 341 3.40 -9.42 8.91
CA VAL A 341 2.27 -9.31 8.00
C VAL A 341 2.55 -10.24 6.83
N ASN A 342 1.53 -10.95 6.36
CA ASN A 342 1.71 -11.77 5.15
C ASN A 342 0.69 -11.44 4.06
N SER A 343 -0.14 -10.43 4.32
CA SER A 343 -1.25 -10.07 3.43
C SER A 343 -1.61 -8.59 3.50
N ILE A 344 -2.02 -8.06 2.35
CA ILE A 344 -2.51 -6.69 2.28
C ILE A 344 -3.82 -6.57 1.52
N ARG A 345 -4.60 -5.58 1.90
CA ARG A 345 -5.86 -5.26 1.25
C ARG A 345 -5.69 -3.83 0.74
N THR A 346 -5.93 -3.60 -0.55
CA THR A 346 -5.77 -2.26 -1.10
C THR A 346 -7.09 -1.48 -0.93
N THR A 347 -7.30 -0.98 0.29
CA THR A 347 -8.54 -0.32 0.68
C THR A 347 -8.57 1.14 0.17
N HIS A 348 -9.50 1.51 -0.70
CA HIS A 348 -10.56 0.66 -1.23
C HIS A 348 -10.61 0.99 -2.71
N ASN A 349 -9.56 0.60 -3.44
CA ASN A 349 -9.34 1.04 -4.79
C ASN A 349 -8.23 0.21 -5.45
N PRO A 350 -8.20 0.18 -6.79
CA PRO A 350 -7.07 -0.46 -7.49
C PRO A 350 -5.70 0.05 -7.00
N ALA A 351 -4.70 -0.82 -7.08
CA ALA A 351 -3.36 -0.52 -6.60
C ALA A 351 -2.50 0.04 -7.69
N SER A 352 -1.41 0.70 -7.30
CA SER A 352 -0.36 1.08 -8.26
C SER A 352 0.40 -0.15 -8.77
N GLU A 353 1.14 0.03 -9.85
CA GLU A 353 2.06 -0.99 -10.34
C GLU A 353 3.14 -1.28 -9.27
N GLN A 354 3.59 -0.27 -8.55
CA GLN A 354 4.61 -0.46 -7.50
C GLN A 354 4.14 -1.42 -6.42
N THR A 355 2.96 -1.14 -5.85
CA THR A 355 2.41 -1.97 -4.80
C THR A 355 2.32 -3.45 -5.25
N LEU A 356 1.76 -3.69 -6.43
CA LEU A 356 1.58 -5.03 -6.92
C LEU A 356 2.90 -5.77 -7.17
N GLN A 357 3.87 -5.07 -7.75
CA GLN A 357 5.19 -5.61 -7.95
C GLN A 357 5.90 -5.91 -6.64
N ILE A 358 5.82 -5.01 -5.67
CA ILE A 358 6.55 -5.18 -4.44
C ILE A 358 5.96 -6.33 -3.63
N ALA A 359 4.63 -6.48 -3.69
CA ALA A 359 3.94 -7.55 -3.01
C ALA A 359 4.45 -8.89 -3.58
N ALA A 360 4.54 -9.00 -4.91
CA ALA A 360 5.07 -10.21 -5.53
C ALA A 360 6.52 -10.44 -5.10
N GLU A 361 7.32 -9.39 -5.02
CA GLU A 361 8.76 -9.49 -4.69
C GLU A 361 9.04 -9.82 -3.22
N LEU A 362 8.18 -9.36 -2.33
CA LEU A 362 8.41 -9.52 -0.90
C LEU A 362 7.64 -10.70 -0.31
N GLY A 363 6.73 -11.27 -1.08
CA GLY A 363 5.94 -12.37 -0.57
C GLY A 363 4.80 -11.90 0.33
N LEU A 364 3.96 -11.05 -0.23
CA LEU A 364 2.74 -10.59 0.47
C LEU A 364 1.52 -10.91 -0.39
N LEU A 365 0.57 -11.65 0.15
CA LEU A 365 -0.65 -11.92 -0.58
C LEU A 365 -1.45 -10.61 -0.63
N VAL A 366 -2.16 -10.42 -1.76
CA VAL A 366 -2.93 -9.21 -1.99
C VAL A 366 -4.39 -9.46 -2.29
N GLN A 367 -5.28 -8.79 -1.55
CA GLN A 367 -6.65 -8.56 -1.98
C GLN A 367 -6.71 -7.18 -2.66
N GLU A 368 -7.02 -7.14 -3.96
CA GLU A 368 -7.18 -5.87 -4.65
C GLU A 368 -8.65 -5.49 -4.75
N GLU A 369 -8.97 -4.26 -4.33
CA GLU A 369 -10.36 -3.84 -4.21
C GLU A 369 -10.79 -2.82 -5.26
N ALA A 370 -11.90 -3.10 -5.94
CA ALA A 370 -12.30 -2.21 -7.04
C ALA A 370 -13.13 -0.98 -6.61
N PHE A 371 -13.99 -1.15 -5.62
CA PHE A 371 -14.99 -0.13 -5.33
C PHE A 371 -15.18 0.16 -3.84
N ASP A 372 -15.34 1.44 -3.53
CA ASP A 372 -15.80 1.84 -2.21
C ASP A 372 -17.32 2.09 -2.20
N THR A 373 -17.95 2.02 -3.37
CA THR A 373 -19.38 2.22 -3.45
C THR A 373 -19.87 1.64 -4.76
N TRP A 374 -21.17 1.34 -4.83
CA TRP A 374 -21.80 0.97 -6.10
C TRP A 374 -22.57 2.16 -6.69
N TYR A 375 -23.84 1.95 -7.06
CA TYR A 375 -24.68 3.03 -7.66
C TYR A 375 -25.20 4.04 -6.59
N GLY A 376 -25.12 3.69 -5.31
CA GLY A 376 -25.59 4.56 -4.25
C GLY A 376 -24.70 5.76 -3.93
N GLY A 377 -23.38 5.60 -4.00
CA GLY A 377 -22.43 6.65 -3.58
C GLY A 377 -22.31 6.79 -2.06
N LYS A 378 -21.19 7.33 -1.60
CA LYS A 378 -20.99 7.61 -0.17
C LYS A 378 -20.73 9.11 0.05
N LYS A 379 -20.05 9.73 -0.90
CA LYS A 379 -19.76 11.12 -0.94
C LYS A 379 -20.21 11.65 -2.30
N PRO A 380 -20.77 12.88 -2.34
CA PRO A 380 -21.35 13.43 -3.56
C PRO A 380 -20.47 13.24 -4.77
N TYR A 381 -19.18 13.50 -4.66
CA TYR A 381 -18.34 13.51 -5.86
C TYR A 381 -17.50 12.25 -6.04
N ASP A 382 -17.85 11.20 -5.32
CA ASP A 382 -17.10 9.95 -5.46
C ASP A 382 -17.52 9.17 -6.74
N TYR A 383 -17.20 7.88 -6.77
CA TYR A 383 -17.41 7.08 -7.96
C TYR A 383 -18.90 6.71 -8.23
N GLY A 384 -19.72 6.68 -7.18
CA GLY A 384 -21.14 6.26 -7.26
C GLY A 384 -21.87 6.82 -8.47
N ARG A 385 -21.75 8.13 -8.69
CA ARG A 385 -22.38 8.79 -9.81
C ARG A 385 -22.00 8.25 -11.21
N PHE A 386 -20.84 7.57 -11.31
CA PHE A 386 -20.40 6.93 -12.57
C PHE A 386 -20.70 5.44 -12.74
N PHE A 387 -20.99 4.78 -11.62
CA PHE A 387 -21.03 3.32 -11.54
C PHE A 387 -21.87 2.65 -12.64
N GLU A 388 -23.08 3.18 -12.87
CA GLU A 388 -24.00 2.60 -13.86
C GLU A 388 -24.09 3.33 -15.17
N LYS A 389 -23.19 4.26 -15.41
CA LYS A 389 -23.19 5.00 -16.67
C LYS A 389 -22.38 4.25 -17.70
N ASP A 390 -22.76 4.39 -18.96
N ASP A 390 -22.76 4.39 -18.96
CA ASP A 390 -22.07 3.73 -20.04
CA ASP A 390 -22.07 3.76 -20.10
C ASP A 390 -20.61 4.18 -20.15
C ASP A 390 -20.61 4.19 -20.18
N ALA A 391 -19.71 3.22 -20.33
CA ALA A 391 -18.31 3.54 -20.47
C ALA A 391 -18.07 4.17 -21.84
N THR A 392 -17.30 5.25 -21.86
CA THR A 392 -17.02 5.96 -23.11
C THR A 392 -15.58 5.78 -23.53
N HIS A 393 -14.86 4.91 -22.83
CA HIS A 393 -13.50 4.60 -23.25
C HIS A 393 -13.57 4.04 -24.66
N PRO A 394 -12.60 4.45 -25.53
CA PRO A 394 -12.72 3.94 -26.91
C PRO A 394 -12.61 2.40 -27.08
N GLU A 395 -12.08 1.74 -26.06
CA GLU A 395 -11.92 0.31 -26.07
C GLU A 395 -12.96 -0.38 -25.20
N ALA A 396 -13.98 0.35 -24.76
CA ALA A 396 -15.03 -0.30 -23.98
C ALA A 396 -15.86 -1.19 -24.87
N ARG A 397 -16.41 -2.24 -24.30
CA ARG A 397 -17.26 -3.15 -25.03
C ARG A 397 -18.69 -2.63 -25.00
N LYS A 398 -19.48 -2.97 -26.02
CA LYS A 398 -20.89 -2.58 -26.04
C LYS A 398 -21.65 -3.05 -24.81
N GLY A 399 -22.31 -2.10 -24.16
CA GLY A 399 -23.15 -2.41 -23.02
C GLY A 399 -22.38 -2.34 -21.72
N GLU A 400 -21.08 -2.02 -21.80
CA GLU A 400 -20.26 -1.92 -20.59
C GLU A 400 -20.49 -0.61 -19.89
N LYS A 401 -20.91 -0.71 -18.64
CA LYS A 401 -20.89 0.43 -17.75
C LYS A 401 -19.46 0.69 -17.25
N TRP A 402 -19.23 1.83 -16.61
CA TRP A 402 -17.92 2.10 -16.04
C TRP A 402 -17.52 1.03 -15.02
N SER A 403 -18.48 0.59 -14.20
CA SER A 403 -18.21 -0.46 -13.24
C SER A 403 -17.70 -1.73 -13.97
N ASP A 404 -18.40 -2.15 -15.02
CA ASP A 404 -17.98 -3.30 -15.83
C ASP A 404 -16.57 -3.09 -16.37
N PHE A 405 -16.38 -1.97 -17.07
CA PHE A 405 -15.12 -1.70 -17.75
C PHE A 405 -13.94 -1.61 -16.76
N ASP A 406 -14.17 -0.90 -15.66
CA ASP A 406 -13.14 -0.66 -14.65
C ASP A 406 -12.82 -1.97 -13.91
N LEU A 407 -13.84 -2.75 -13.58
CA LEU A 407 -13.59 -4.04 -12.98
C LEU A 407 -12.82 -4.97 -13.95
N ARG A 408 -13.28 -5.03 -15.19
CA ARG A 408 -12.65 -5.90 -16.17
C ARG A 408 -11.18 -5.53 -16.37
N THR A 409 -10.89 -4.26 -16.59
CA THR A 409 -9.52 -3.87 -16.89
C THR A 409 -8.56 -4.08 -15.70
N MET A 410 -9.05 -3.83 -14.48
CA MET A 410 -8.26 -4.10 -13.28
C MET A 410 -7.84 -5.58 -13.24
N VAL A 411 -8.79 -6.49 -13.43
CA VAL A 411 -8.51 -7.91 -13.44
C VAL A 411 -7.57 -8.33 -14.62
N GLU A 412 -7.78 -7.79 -15.81
CA GLU A 412 -6.87 -8.09 -16.91
C GLU A 412 -5.45 -7.63 -16.62
N ARG A 413 -5.31 -6.44 -16.01
CA ARG A 413 -3.98 -5.92 -15.63
C ARG A 413 -3.25 -6.86 -14.66
N GLY A 414 -3.97 -7.46 -13.71
CA GLY A 414 -3.31 -8.18 -12.63
C GLY A 414 -3.44 -9.70 -12.58
N LYS A 415 -4.07 -10.30 -13.58
CA LYS A 415 -4.40 -11.73 -13.55
C LYS A 415 -3.20 -12.68 -13.46
N ASN A 416 -2.00 -12.23 -13.81
CA ASN A 416 -0.78 -13.04 -13.72
C ASN A 416 0.13 -12.75 -12.50
N ASN A 417 -0.25 -11.76 -11.69
CA ASN A 417 0.56 -11.43 -10.54
C ASN A 417 0.30 -12.49 -9.44
N PRO A 418 1.35 -13.21 -9.05
CA PRO A 418 1.16 -14.32 -8.09
C PRO A 418 0.69 -13.87 -6.69
N ALA A 419 0.95 -12.61 -6.35
CA ALA A 419 0.60 -12.11 -5.02
C ALA A 419 -0.92 -11.90 -4.88
N ILE A 420 -1.58 -11.56 -5.96
CA ILE A 420 -3.02 -11.29 -5.86
C ILE A 420 -3.70 -12.65 -5.72
N PHE A 421 -4.59 -12.77 -4.73
CA PHE A 421 -5.35 -14.00 -4.55
C PHE A 421 -6.84 -13.76 -4.33
N MET A 422 -7.21 -12.49 -4.17
CA MET A 422 -8.60 -12.07 -3.96
C MET A 422 -8.90 -10.81 -4.77
N TRP A 423 -10.09 -10.76 -5.36
CA TRP A 423 -10.59 -9.52 -5.97
C TRP A 423 -11.77 -9.11 -5.14
N SER A 424 -11.73 -7.90 -4.61
CA SER A 424 -12.91 -7.38 -3.90
C SER A 424 -13.71 -6.48 -4.81
N ILE A 425 -15.01 -6.75 -4.87
CA ILE A 425 -15.91 -5.93 -5.70
C ILE A 425 -16.72 -4.95 -4.85
N GLY A 426 -16.39 -4.84 -3.58
CA GLY A 426 -16.92 -3.73 -2.76
C GLY A 426 -16.60 -3.73 -1.29
N ASN A 427 -16.35 -2.54 -0.78
CA ASN A 427 -16.23 -2.33 0.67
C ASN A 427 -17.42 -1.57 1.29
N GLU A 428 -18.02 -2.18 2.32
CA GLU A 428 -19.18 -1.60 3.03
C GLU A 428 -20.14 -0.87 2.08
N ILE A 429 -20.61 -1.60 1.07
CA ILE A 429 -21.62 -1.11 0.15
C ILE A 429 -23.01 -1.15 0.84
N GLY A 430 -23.51 0.02 1.24
CA GLY A 430 -24.82 0.07 1.89
C GLY A 430 -25.98 -0.44 1.04
N GLU A 431 -25.98 -0.09 -0.25
CA GLU A 431 -26.96 -0.60 -1.24
C GLU A 431 -27.02 -2.14 -1.34
N ALA A 432 -25.91 -2.83 -1.11
CA ALA A 432 -25.85 -4.29 -1.30
C ALA A 432 -26.62 -5.01 -0.23
N ASN A 433 -27.93 -4.90 -0.28
CA ASN A 433 -28.79 -5.37 0.82
C ASN A 433 -29.64 -6.58 0.47
N GLY A 434 -29.50 -7.07 -0.76
CA GLY A 434 -30.18 -8.29 -1.16
C GLY A 434 -31.44 -8.02 -1.97
N ASP A 435 -31.74 -6.73 -2.21
CA ASP A 435 -32.83 -6.36 -3.07
C ASP A 435 -32.51 -6.76 -4.51
N ALA A 436 -33.47 -6.61 -5.42
CA ALA A 436 -33.32 -7.17 -6.74
C ALA A 436 -32.19 -6.50 -7.49
N HIS A 437 -32.03 -5.20 -7.28
CA HIS A 437 -30.98 -4.44 -7.95
C HIS A 437 -29.58 -4.88 -7.51
N SER A 438 -29.40 -5.02 -6.20
CA SER A 438 -28.11 -5.36 -5.65
C SER A 438 -27.73 -6.79 -5.99
N LEU A 439 -28.72 -7.67 -5.96
CA LEU A 439 -28.50 -9.06 -6.40
C LEU A 439 -28.10 -9.12 -7.86
N ALA A 440 -28.80 -8.41 -8.74
CA ALA A 440 -28.37 -8.34 -10.14
C ALA A 440 -26.94 -7.80 -10.31
N THR A 441 -26.54 -6.83 -9.46
CA THR A 441 -25.22 -6.20 -9.58
C THR A 441 -24.08 -7.15 -9.10
N VAL A 442 -24.31 -7.84 -7.99
CA VAL A 442 -23.30 -8.74 -7.50
C VAL A 442 -23.05 -9.85 -8.55
N LYS A 443 -24.13 -10.49 -9.05
CA LYS A 443 -23.96 -11.50 -10.12
C LYS A 443 -23.26 -10.94 -11.36
N ARG A 444 -23.61 -9.72 -11.77
CA ARG A 444 -22.98 -9.15 -12.95
C ARG A 444 -21.45 -8.94 -12.73
N LEU A 445 -21.09 -8.43 -11.56
CA LEU A 445 -19.70 -8.11 -11.25
C LEU A 445 -18.86 -9.41 -11.06
N VAL A 446 -19.45 -10.39 -10.37
CA VAL A 446 -18.83 -11.70 -10.24
C VAL A 446 -18.48 -12.26 -11.61
N LYS A 447 -19.44 -12.18 -12.54
CA LYS A 447 -19.27 -12.68 -13.89
C LYS A 447 -18.23 -11.91 -14.74
N VAL A 448 -18.17 -10.58 -14.61
CA VAL A 448 -17.12 -9.80 -15.28
C VAL A 448 -15.73 -10.36 -14.94
N ILE A 449 -15.52 -10.67 -13.67
CA ILE A 449 -14.28 -11.19 -13.20
C ILE A 449 -14.07 -12.59 -13.75
N LYS A 450 -15.07 -13.45 -13.54
CA LYS A 450 -14.99 -14.86 -13.88
C LYS A 450 -14.73 -15.05 -15.38
N ASP A 451 -15.11 -14.09 -16.22
CA ASP A 451 -14.91 -14.24 -17.66
C ASP A 451 -13.46 -13.97 -17.98
N VAL A 452 -12.75 -13.38 -17.03
CA VAL A 452 -11.33 -13.12 -17.23
C VAL A 452 -10.49 -14.13 -16.43
N ASP A 453 -10.96 -14.48 -15.25
CA ASP A 453 -10.11 -15.13 -14.27
C ASP A 453 -10.92 -15.83 -13.18
N LYS A 454 -10.74 -17.16 -13.10
CA LYS A 454 -11.51 -17.98 -12.18
C LYS A 454 -10.65 -18.43 -10.99
N THR A 455 -9.37 -18.07 -11.00
CA THR A 455 -8.39 -18.63 -10.05
C THR A 455 -8.36 -17.93 -8.69
N ARG A 456 -9.04 -16.80 -8.55
CA ARG A 456 -8.95 -15.98 -7.35
C ARG A 456 -10.33 -15.71 -6.70
N TYR A 457 -10.34 -15.64 -5.38
CA TYR A 457 -11.55 -15.47 -4.61
C TYR A 457 -12.20 -14.10 -4.81
N VAL A 458 -13.42 -14.11 -5.30
CA VAL A 458 -14.18 -12.89 -5.43
C VAL A 458 -14.81 -12.60 -4.08
N THR A 459 -14.71 -11.35 -3.64
CA THR A 459 -15.14 -11.03 -2.30
C THR A 459 -15.66 -9.60 -2.15
N MET A 460 -16.11 -9.30 -0.95
CA MET A 460 -16.48 -7.95 -0.53
C MET A 460 -16.19 -7.85 0.95
N GLY A 461 -16.03 -6.63 1.45
CA GLY A 461 -15.95 -6.41 2.90
C GLY A 461 -17.26 -5.88 3.35
N ALA A 462 -17.91 -6.55 4.30
CA ALA A 462 -19.25 -6.15 4.70
C ALA A 462 -19.38 -5.91 6.19
N ASP A 463 -19.74 -4.70 6.58
CA ASP A 463 -20.02 -4.45 7.99
C ASP A 463 -21.46 -4.76 8.44
N LYS A 464 -22.33 -5.07 7.48
CA LYS A 464 -23.74 -5.39 7.81
C LYS A 464 -23.81 -6.56 8.76
N PHE A 465 -22.80 -7.45 8.75
CA PHE A 465 -22.81 -8.63 9.64
C PHE A 465 -22.63 -8.30 11.13
N ARG A 466 -22.33 -7.04 11.44
CA ARG A 466 -22.14 -6.66 12.88
C ARG A 466 -23.43 -6.18 13.55
N PHE A 467 -24.42 -5.79 12.77
CA PHE A 467 -25.71 -5.32 13.31
C PHE A 467 -26.60 -6.49 13.76
N GLY A 468 -27.22 -6.35 14.93
CA GLY A 468 -28.04 -7.40 15.51
C GLY A 468 -27.28 -8.71 15.56
N ASN A 469 -27.92 -9.78 15.07
CA ASN A 469 -27.30 -11.11 15.05
C ASN A 469 -26.58 -11.36 13.72
N GLY A 470 -26.57 -10.39 12.82
CA GLY A 470 -25.82 -10.46 11.56
C GLY A 470 -26.62 -10.84 10.30
N SER A 471 -27.85 -11.31 10.49
CA SER A 471 -28.63 -11.79 9.35
C SER A 471 -29.44 -10.68 8.71
N GLY A 472 -29.90 -10.93 7.50
CA GLY A 472 -30.58 -9.93 6.70
C GLY A 472 -30.40 -10.24 5.24
N GLY A 473 -30.98 -9.42 4.39
CA GLY A 473 -31.01 -9.67 2.96
C GLY A 473 -29.63 -9.64 2.31
N HIS A 474 -28.67 -9.08 3.03
CA HIS A 474 -27.28 -8.98 2.58
C HIS A 474 -26.61 -10.36 2.53
N GLU A 475 -27.18 -11.32 3.26
CA GLU A 475 -26.72 -12.71 3.18
C GLU A 475 -26.89 -13.24 1.78
N LYS A 476 -27.93 -12.79 1.08
CA LYS A 476 -28.14 -13.12 -0.33
C LYS A 476 -27.00 -12.60 -1.23
N ILE A 477 -26.43 -11.46 -0.87
CA ILE A 477 -25.29 -10.95 -1.62
C ILE A 477 -24.04 -11.81 -1.35
N ALA A 478 -23.81 -12.13 -0.07
CA ALA A 478 -22.66 -12.93 0.36
C ALA A 478 -22.65 -14.33 -0.30
N ASP A 479 -23.82 -14.95 -0.40
CA ASP A 479 -24.00 -16.24 -1.07
C ASP A 479 -23.44 -16.25 -2.48
N GLU A 480 -23.36 -15.09 -3.15
CA GLU A 480 -22.85 -15.02 -4.53
C GLU A 480 -21.31 -14.91 -4.62
N LEU A 481 -20.66 -14.76 -3.46
CA LEU A 481 -19.19 -14.54 -3.47
C LEU A 481 -18.47 -15.85 -3.26
N ASP A 482 -17.21 -15.88 -3.66
CA ASP A 482 -16.35 -17.01 -3.28
C ASP A 482 -16.02 -17.01 -1.82
N ALA A 483 -15.74 -15.83 -1.27
CA ALA A 483 -15.37 -15.74 0.15
C ALA A 483 -16.04 -14.53 0.77
N VAL A 484 -16.52 -14.71 2.00
CA VAL A 484 -17.28 -13.64 2.62
C VAL A 484 -16.43 -12.86 3.63
N GLY A 485 -16.25 -11.55 3.35
CA GLY A 485 -15.49 -10.69 4.22
C GLY A 485 -16.33 -10.05 5.31
N PHE A 486 -15.88 -10.18 6.54
CA PHE A 486 -16.54 -9.61 7.70
C PHE A 486 -15.79 -8.35 8.19
N ASN A 487 -16.38 -7.17 7.97
CA ASN A 487 -15.93 -5.95 8.63
C ASN A 487 -16.44 -5.85 10.07
N TYR A 488 -15.55 -5.90 11.05
CA TYR A 488 -15.89 -5.67 12.48
C TYR A 488 -17.01 -6.52 13.00
N SER A 489 -17.10 -7.76 12.51
CA SER A 489 -18.25 -8.62 12.84
C SER A 489 -17.92 -9.86 13.65
N GLU A 490 -16.80 -9.86 14.36
CA GLU A 490 -16.39 -11.01 15.16
C GLU A 490 -17.49 -11.54 16.08
N ASP A 491 -18.27 -10.64 16.67
CA ASP A 491 -19.29 -10.99 17.68
C ASP A 491 -20.41 -11.87 17.15
N ASN A 492 -20.55 -11.91 15.83
CA ASN A 492 -21.61 -12.67 15.18
C ASN A 492 -21.07 -13.84 14.38
N TYR A 493 -19.77 -14.10 14.54
CA TYR A 493 -19.11 -15.13 13.75
C TYR A 493 -19.67 -16.52 14.06
N LYS A 494 -19.70 -16.87 15.35
CA LYS A 494 -20.22 -18.13 15.82
C LYS A 494 -21.60 -18.38 15.19
N ALA A 495 -22.55 -17.46 15.42
CA ALA A 495 -23.91 -17.59 14.88
C ALA A 495 -23.90 -17.69 13.34
N LEU A 496 -23.15 -16.82 12.67
CA LEU A 496 -23.10 -16.85 11.22
C LEU A 496 -22.43 -18.12 10.64
N ARG A 497 -21.41 -18.63 11.32
CA ARG A 497 -20.76 -19.84 10.89
C ARG A 497 -21.73 -21.04 11.03
N ALA A 498 -22.49 -21.09 12.12
CA ALA A 498 -23.53 -22.10 12.31
C ALA A 498 -24.60 -22.02 11.21
N LYS A 499 -25.02 -20.82 10.85
CA LYS A 499 -26.00 -20.65 9.78
C LYS A 499 -25.47 -20.96 8.37
N HIS A 500 -24.21 -20.62 8.10
CA HIS A 500 -23.67 -20.79 6.77
C HIS A 500 -22.42 -21.66 6.85
N PRO A 501 -22.62 -23.00 6.99
CA PRO A 501 -21.40 -23.77 7.23
C PRO A 501 -20.51 -23.96 6.00
N LYS A 502 -20.96 -23.48 4.84
CA LYS A 502 -20.23 -23.61 3.59
C LYS A 502 -19.45 -22.36 3.21
N TRP A 503 -19.68 -21.27 3.96
CA TRP A 503 -19.02 -20.00 3.70
C TRP A 503 -17.54 -20.08 4.02
N LEU A 504 -16.73 -19.46 3.15
CA LEU A 504 -15.36 -19.18 3.45
C LEU A 504 -15.37 -17.78 4.06
N ILE A 505 -15.02 -17.70 5.34
CA ILE A 505 -15.12 -16.47 6.11
C ILE A 505 -13.76 -15.98 6.56
N TYR A 506 -13.56 -14.67 6.49
CA TYR A 506 -12.38 -14.05 7.06
C TYR A 506 -12.73 -12.63 7.54
N GLY A 507 -11.83 -11.98 8.26
CA GLY A 507 -12.01 -10.59 8.64
C GLY A 507 -11.46 -9.66 7.56
N SER A 508 -12.36 -9.03 6.79
CA SER A 508 -11.93 -8.13 5.72
C SER A 508 -11.49 -6.81 6.30
N GLU A 509 -11.97 -6.48 7.49
CA GLU A 509 -11.55 -5.26 8.17
C GLU A 509 -11.80 -5.38 9.66
N THR A 510 -10.75 -5.19 10.43
CA THR A 510 -10.79 -5.39 11.85
C THR A 510 -10.07 -4.31 12.64
N SER A 511 -10.31 -4.35 13.95
CA SER A 511 -9.71 -3.48 14.96
C SER A 511 -10.23 -2.04 14.95
N SER A 512 -9.62 -1.18 14.13
CA SER A 512 -9.81 0.27 14.17
C SER A 512 -9.53 0.82 15.56
N ALA A 513 -8.55 0.20 16.25
CA ALA A 513 -7.91 0.80 17.41
C ALA A 513 -7.28 2.14 16.97
N THR A 514 -7.20 3.11 17.87
CA THR A 514 -6.71 4.43 17.54
C THR A 514 -5.53 4.75 18.50
N ARG A 515 -4.42 5.25 17.97
CA ARG A 515 -3.21 5.37 18.82
C ARG A 515 -2.40 6.55 18.31
N THR A 516 -1.83 7.29 19.24
CA THR A 516 -0.83 8.29 18.90
C THR A 516 0.52 7.86 19.44
N ARG A 517 1.53 7.89 18.57
CA ARG A 517 2.90 7.51 19.00
C ARG A 517 3.36 8.29 20.24
N GLY A 518 3.82 7.55 21.26
CA GLY A 518 4.41 8.19 22.44
C GLY A 518 3.46 8.88 23.40
N SER A 519 2.15 8.76 23.13
CA SER A 519 1.11 9.29 23.98
C SER A 519 0.49 8.15 24.79
N TYR A 520 0.20 8.35 26.09
CA TYR A 520 -0.28 7.28 26.99
C TYR A 520 -1.48 7.75 27.83
N TYR A 521 -2.53 6.94 27.89
CA TYR A 521 -3.67 7.33 28.70
C TYR A 521 -4.38 6.13 29.32
N ARG A 522 -4.56 6.20 30.64
CA ARG A 522 -5.38 5.25 31.43
C ARG A 522 -5.22 3.77 31.08
N PRO A 523 -3.99 3.24 31.16
CA PRO A 523 -3.72 1.86 30.68
C PRO A 523 -4.59 0.81 31.34
N GLU A 524 -5.11 1.13 32.52
CA GLU A 524 -5.94 0.16 33.26
C GLU A 524 -7.35 0.02 32.70
N ARG A 525 -7.73 0.89 31.77
CA ARG A 525 -9.08 0.94 31.16
C ARG A 525 -9.07 0.65 29.67
N GLU A 526 -10.15 0.07 29.17
CA GLU A 526 -10.44 0.10 27.75
C GLU A 526 -11.31 1.34 27.49
N LEU A 527 -10.94 2.14 26.49
CA LEU A 527 -11.59 3.41 26.24
C LEU A 527 -12.31 3.39 24.90
N LYS A 528 -13.64 3.54 24.95
CA LYS A 528 -14.44 3.44 23.76
C LYS A 528 -14.69 4.81 23.16
N HIS A 529 -14.22 5.04 21.95
CA HIS A 529 -14.50 6.26 21.22
C HIS A 529 -14.34 7.51 22.12
N SER A 530 -13.21 7.55 22.82
CA SER A 530 -12.91 8.54 23.84
C SER A 530 -12.28 9.81 23.19
N ASN A 531 -13.11 10.85 22.99
CA ASN A 531 -12.70 12.03 22.25
C ASN A 531 -12.98 13.35 22.98
N GLY A 532 -13.08 13.28 24.30
CA GLY A 532 -13.22 14.44 25.13
C GLY A 532 -12.03 15.39 25.10
N PRO A 533 -12.25 16.63 25.60
CA PRO A 533 -11.22 17.69 25.56
C PRO A 533 -10.00 17.28 26.38
N GLU A 534 -10.21 16.46 27.40
CA GLU A 534 -9.10 16.00 28.26
C GLU A 534 -8.13 15.09 27.48
N ARG A 535 -8.55 14.58 26.32
CA ARG A 535 -7.66 13.76 25.51
C ARG A 535 -6.63 14.55 24.68
N ASN A 536 -6.83 15.87 24.57
N ASN A 536 -6.87 15.87 24.56
CA ASN A 536 -5.87 16.72 23.84
CA ASN A 536 -6.03 16.81 23.78
C ASN A 536 -5.60 16.22 22.40
C ASN A 536 -5.64 16.24 22.41
N TYR A 537 -6.60 15.64 21.74
CA TYR A 537 -6.45 15.20 20.33
C TYR A 537 -5.37 14.11 20.14
N GLU A 538 -5.16 13.31 21.20
CA GLU A 538 -4.25 12.21 21.17
C GLU A 538 -4.96 10.92 21.61
N GLN A 539 -4.40 9.78 21.22
CA GLN A 539 -4.93 8.48 21.61
C GLN A 539 -3.75 7.68 22.18
N SER A 540 -4.06 6.54 22.81
CA SER A 540 -3.12 5.88 23.70
C SER A 540 -2.31 4.78 23.03
N ASP A 541 -0.99 4.93 23.12
CA ASP A 541 -0.04 3.98 22.55
C ASP A 541 0.03 2.64 23.36
N TYR A 542 -0.72 2.54 24.47
CA TYR A 542 -0.91 1.23 25.12
C TYR A 542 -1.84 0.36 24.29
N GLY A 543 -2.58 1.01 23.39
CA GLY A 543 -3.47 0.32 22.48
C GLY A 543 -4.81 0.04 23.12
N ASN A 544 -5.15 0.80 24.16
CA ASN A 544 -6.42 0.64 24.87
C ASN A 544 -7.53 1.59 24.37
N ASP A 545 -7.25 2.43 23.37
CA ASP A 545 -8.28 3.17 22.65
C ASP A 545 -8.77 2.42 21.42
N ARG A 546 -10.10 2.38 21.25
CA ARG A 546 -10.71 1.93 20.02
C ARG A 546 -12.08 2.61 19.76
N VAL A 547 -12.44 2.77 18.49
CA VAL A 547 -13.67 3.39 18.11
C VAL A 547 -14.89 2.56 18.58
N GLY A 548 -16.08 3.17 18.51
CA GLY A 548 -17.31 2.54 19.01
C GLY A 548 -17.55 1.16 18.42
N TRP A 549 -17.31 1.01 17.12
CA TRP A 549 -17.53 -0.26 16.42
C TRP A 549 -16.29 -1.13 16.36
N GLY A 550 -15.20 -0.67 16.97
CA GLY A 550 -13.91 -1.36 16.81
C GLY A 550 -13.52 -2.33 17.91
N LYS A 551 -12.29 -2.82 17.85
CA LYS A 551 -11.72 -3.68 18.91
C LYS A 551 -10.26 -3.34 19.05
N THR A 552 -9.71 -3.62 20.23
CA THR A 552 -8.28 -3.46 20.44
C THR A 552 -7.55 -4.47 19.57
N ALA A 553 -6.24 -4.32 19.41
CA ALA A 553 -5.44 -5.31 18.68
C ALA A 553 -5.57 -6.69 19.33
N THR A 554 -5.57 -6.72 20.66
CA THR A 554 -5.63 -7.96 21.41
C THR A 554 -6.96 -8.65 21.19
N ALA A 555 -8.06 -7.90 21.25
CA ALA A 555 -9.39 -8.47 21.14
C ALA A 555 -9.59 -9.03 19.72
N SER A 556 -9.15 -8.28 18.71
CA SER A 556 -9.37 -8.69 17.34
C SER A 556 -8.39 -9.81 16.93
N TRP A 557 -7.19 -9.81 17.51
CA TRP A 557 -6.27 -10.91 17.23
C TRP A 557 -6.63 -12.19 18.01
N THR A 558 -6.84 -12.12 19.32
CA THR A 558 -7.13 -13.37 20.03
C THR A 558 -8.33 -14.12 19.38
N PHE A 559 -9.35 -13.37 18.96
CA PHE A 559 -10.49 -14.02 18.33
C PHE A 559 -10.11 -14.76 17.02
N ASP A 560 -9.30 -14.10 16.20
CA ASP A 560 -8.82 -14.68 14.96
C ASP A 560 -8.02 -15.94 15.33
N ARG A 561 -7.08 -15.78 16.24
CA ARG A 561 -6.22 -16.87 16.67
C ARG A 561 -7.03 -18.08 17.14
N ASP A 562 -8.08 -17.83 17.91
CA ASP A 562 -8.88 -18.92 18.50
C ASP A 562 -9.83 -19.62 17.52
N ASN A 563 -10.09 -19.05 16.34
CA ASN A 563 -10.99 -19.66 15.39
C ASN A 563 -10.42 -20.03 14.01
N ALA A 564 -10.24 -21.32 13.75
CA ALA A 564 -9.72 -21.82 12.48
C ALA A 564 -10.59 -21.46 11.27
N GLY A 565 -11.90 -21.40 11.48
CA GLY A 565 -12.84 -21.10 10.40
C GLY A 565 -12.90 -19.63 10.00
N TYR A 566 -12.21 -18.78 10.76
CA TYR A 566 -12.07 -17.36 10.42
C TYR A 566 -10.62 -17.23 9.88
N ALA A 567 -10.49 -17.13 8.56
CA ALA A 567 -9.21 -17.40 7.89
C ALA A 567 -8.10 -16.41 8.19
N GLY A 568 -8.46 -15.26 8.75
CA GLY A 568 -7.51 -14.22 9.10
C GLY A 568 -8.15 -12.85 9.05
N GLN A 569 -7.34 -11.79 9.00
CA GLN A 569 -7.88 -10.44 9.07
C GLN A 569 -7.03 -9.43 8.34
N PHE A 570 -7.64 -8.31 7.93
CA PHE A 570 -6.91 -7.18 7.39
C PHE A 570 -7.17 -5.98 8.31
N ILE A 571 -6.23 -5.78 9.24
CA ILE A 571 -6.31 -4.75 10.24
C ILE A 571 -6.45 -3.35 9.62
N TRP A 572 -7.34 -2.57 10.22
CA TRP A 572 -7.47 -1.16 9.86
C TRP A 572 -6.67 -0.35 10.90
N THR A 573 -5.49 0.22 10.58
CA THR A 573 -4.76 0.04 9.30
C THR A 573 -3.31 -0.25 9.61
N GLY A 574 -2.57 -0.67 8.60
CA GLY A 574 -1.14 -0.98 8.78
C GLY A 574 -0.30 0.25 9.06
N THR A 575 -0.57 1.32 8.31
CA THR A 575 0.06 2.61 8.56
C THR A 575 -1.01 3.69 8.61
N ASP A 576 -0.72 4.76 9.34
CA ASP A 576 -1.57 5.95 9.27
C ASP A 576 -1.69 6.51 7.84
N TYR A 577 -2.74 7.28 7.62
CA TYR A 577 -2.95 7.91 6.34
C TYR A 577 -3.52 9.32 6.62
N ILE A 578 -3.38 10.20 5.64
CA ILE A 578 -3.94 11.53 5.74
C ILE A 578 -5.47 11.44 5.66
N GLY A 579 -6.15 12.30 6.41
CA GLY A 579 -7.61 12.29 6.51
C GLY A 579 -8.14 11.45 7.66
N GLU A 580 -9.38 10.99 7.50
CA GLU A 580 -10.17 10.24 8.52
C GLU A 580 -9.63 10.22 9.96
N PRO A 581 -9.66 11.37 10.67
CA PRO A 581 -9.08 11.42 12.03
C PRO A 581 -10.02 11.08 13.17
N THR A 582 -10.77 10.00 12.97
CA THR A 582 -11.61 9.43 14.02
C THR A 582 -10.73 9.14 15.24
N PRO A 583 -11.20 9.46 16.47
CA PRO A 583 -12.55 9.86 16.86
C PRO A 583 -12.88 11.36 16.83
N TRP A 584 -12.16 12.16 16.03
CA TRP A 584 -12.51 13.58 15.83
C TRP A 584 -12.97 13.78 14.41
N HIS A 585 -13.57 12.73 13.87
CA HIS A 585 -14.04 12.73 12.49
C HIS A 585 -15.01 13.89 12.16
N ASN A 586 -14.58 14.71 11.20
CA ASN A 586 -15.36 15.84 10.67
C ASN A 586 -15.78 16.91 11.70
N GLN A 587 -15.11 16.94 12.83
CA GLN A 587 -15.14 18.05 13.76
C GLN A 587 -14.09 19.04 13.25
N ASN A 588 -14.49 19.81 12.25
CA ASN A 588 -13.54 20.55 11.43
C ASN A 588 -12.83 21.76 12.02
N GLN A 589 -13.30 22.25 13.17
N GLN A 589 -13.35 22.23 13.17
CA GLN A 589 -12.64 23.41 13.78
CA GLN A 589 -12.78 23.39 13.87
C GLN A 589 -11.57 22.94 14.75
C GLN A 589 -11.53 22.91 14.60
N THR A 590 -11.53 21.63 14.97
CA THR A 590 -10.41 21.00 15.72
C THR A 590 -9.19 20.89 14.81
N PRO A 591 -8.02 20.67 15.39
CA PRO A 591 -6.83 20.75 14.55
C PRO A 591 -6.56 19.51 13.69
N VAL A 592 -7.16 18.38 14.04
CA VAL A 592 -6.73 17.10 13.49
C VAL A 592 -6.89 16.99 11.95
N LYS A 593 -5.95 16.31 11.29
CA LYS A 593 -6.01 16.20 9.83
C LYS A 593 -5.59 14.81 9.28
N SER A 594 -5.04 13.93 10.14
CA SER A 594 -4.62 12.61 9.68
C SER A 594 -4.97 11.50 10.70
N SER A 595 -4.82 10.22 10.32
CA SER A 595 -5.46 9.11 11.04
C SER A 595 -4.75 8.64 12.29
N TYR A 596 -5.52 7.94 13.14
CA TYR A 596 -5.00 7.37 14.36
C TYR A 596 -4.94 5.84 14.29
N PHE A 597 -5.49 5.27 13.20
CA PHE A 597 -5.73 3.84 13.08
C PHE A 597 -4.47 3.01 12.82
N GLY A 598 -3.41 3.66 12.33
CA GLY A 598 -2.21 2.95 11.90
C GLY A 598 -1.42 2.26 12.99
N ILE A 599 -0.89 1.09 12.65
CA ILE A 599 0.05 0.41 13.52
C ILE A 599 1.36 1.21 13.46
N VAL A 600 1.63 1.79 12.29
CA VAL A 600 2.80 2.62 12.06
C VAL A 600 2.31 4.07 11.75
N ASP A 601 3.03 5.10 12.21
CA ASP A 601 2.54 6.45 11.97
C ASP A 601 2.92 6.87 10.55
N THR A 602 2.45 8.03 10.07
CA THR A 602 2.64 8.43 8.65
C THR A 602 4.11 8.66 8.31
N ALA A 603 4.92 8.85 9.33
CA ALA A 603 6.36 9.04 9.14
C ALA A 603 7.15 7.72 9.10
N GLY A 604 6.45 6.59 9.13
CA GLY A 604 7.07 5.29 9.15
C GLY A 604 7.63 4.87 10.51
N ILE A 605 7.29 5.57 11.59
CA ILE A 605 7.75 5.17 12.92
C ILE A 605 6.72 4.30 13.60
N PRO A 606 7.08 3.05 13.93
CA PRO A 606 6.09 2.15 14.53
C PRO A 606 5.58 2.65 15.87
N LYS A 607 4.30 2.44 16.14
CA LYS A 607 3.75 2.61 17.49
C LYS A 607 3.98 1.27 18.24
N HIS A 608 3.63 1.21 19.53
CA HIS A 608 3.95 0.03 20.30
C HIS A 608 3.25 -1.23 19.80
N ASP A 609 1.99 -1.12 19.37
CA ASP A 609 1.30 -2.32 18.88
C ASP A 609 2.04 -3.02 17.71
N PHE A 610 2.91 -2.33 17.00
CA PHE A 610 3.76 -2.97 16.00
C PHE A 610 4.45 -4.20 16.61
N TYR A 611 4.97 -4.03 17.84
CA TYR A 611 5.76 -5.05 18.49
C TYR A 611 4.87 -6.10 19.13
N LEU A 612 3.66 -5.68 19.52
CA LEU A 612 2.64 -6.63 19.95
C LEU A 612 2.41 -7.63 18.84
N TYR A 613 2.12 -7.13 17.64
CA TYR A 613 1.92 -8.00 16.48
C TYR A 613 3.17 -8.81 16.15
N GLN A 614 4.34 -8.17 16.17
CA GLN A 614 5.56 -8.90 15.86
C GLN A 614 5.71 -10.11 16.83
N SER A 615 5.39 -9.85 18.10
CA SER A 615 5.54 -10.89 19.11
C SER A 615 4.60 -12.07 18.84
N GLN A 616 3.46 -11.81 18.19
CA GLN A 616 2.46 -12.83 17.88
C GLN A 616 2.70 -13.52 16.55
N TRP A 617 3.28 -12.81 15.59
CA TRP A 617 3.39 -13.30 14.24
C TRP A 617 4.78 -13.71 13.74
N VAL A 618 5.83 -13.28 14.41
CA VAL A 618 7.18 -13.65 13.97
C VAL A 618 7.72 -14.68 14.94
N SER A 619 8.20 -15.80 14.42
CA SER A 619 8.59 -16.91 15.33
C SER A 619 9.86 -16.54 16.09
N VAL A 620 9.96 -17.07 17.31
CA VAL A 620 11.14 -16.84 18.13
C VAL A 620 12.43 -17.36 17.46
N LYS A 621 12.30 -18.27 16.50
CA LYS A 621 13.45 -18.77 15.74
C LYS A 621 13.85 -17.77 14.66
N LYS A 622 12.85 -17.19 13.98
CA LYS A 622 13.12 -16.21 12.93
C LYS A 622 13.70 -14.92 13.51
N LYS A 623 13.04 -14.36 14.51
CA LYS A 623 13.49 -13.11 15.11
C LYS A 623 13.10 -13.00 16.58
N PRO A 624 13.97 -13.47 17.48
CA PRO A 624 13.70 -13.30 18.88
C PRO A 624 13.67 -11.80 19.22
N MET A 625 12.67 -11.39 19.99
CA MET A 625 12.52 -9.98 20.28
C MET A 625 11.86 -9.76 21.62
N VAL A 626 11.98 -8.54 22.11
CA VAL A 626 11.28 -8.07 23.30
C VAL A 626 11.26 -6.52 23.20
N HIS A 627 10.10 -5.96 23.52
CA HIS A 627 9.86 -4.55 23.35
C HIS A 627 9.16 -3.99 24.54
N LEU A 628 9.68 -2.90 25.08
CA LEU A 628 9.12 -2.33 26.30
C LEU A 628 8.30 -1.08 26.00
N LEU A 629 7.27 -0.86 26.79
CA LEU A 629 6.53 0.39 26.81
C LEU A 629 6.15 0.67 28.26
N PRO A 630 5.92 1.94 28.63
CA PRO A 630 5.95 3.20 27.86
C PRO A 630 7.36 3.80 27.84
N HIS A 631 7.51 5.12 27.93
CA HIS A 631 8.85 5.69 28.09
C HIS A 631 9.21 5.75 29.57
N TRP A 632 10.39 6.26 29.88
CA TRP A 632 10.79 6.37 31.29
C TRP A 632 11.05 7.82 31.71
N ASN A 633 10.20 8.74 31.24
CA ASN A 633 10.30 10.13 31.65
C ASN A 633 9.03 10.56 32.30
N TRP A 634 8.96 10.43 33.61
CA TRP A 634 7.72 10.69 34.29
C TRP A 634 7.80 11.85 35.26
N GLU A 635 8.78 12.72 35.02
CA GLU A 635 8.93 13.99 35.76
C GLU A 635 7.70 14.91 35.68
N ASN A 636 7.01 14.91 34.53
CA ASN A 636 5.82 15.74 34.35
C ASN A 636 4.58 15.17 35.07
N LYS A 637 4.06 15.95 36.01
CA LYS A 637 2.89 15.56 36.81
C LYS A 637 1.65 15.24 35.96
N GLU A 638 1.38 16.09 34.97
CA GLU A 638 0.21 15.92 34.12
C GLU A 638 0.25 14.62 33.34
N LEU A 639 1.35 14.39 32.64
CA LEU A 639 1.53 13.15 31.95
C LEU A 639 1.41 11.94 32.90
N ALA A 640 2.19 11.93 33.96
CA ALA A 640 2.18 10.81 34.91
C ALA A 640 0.79 10.56 35.54
N SER A 641 0.04 11.61 35.84
CA SER A 641 -1.25 11.40 36.52
C SER A 641 -2.24 10.56 35.70
N LYS A 642 -2.10 10.60 34.37
N LYS A 642 -2.13 10.57 34.38
CA LYS A 642 -2.98 9.91 33.44
CA LYS A 642 -3.06 9.85 33.55
C LYS A 642 -2.63 8.43 33.33
C LYS A 642 -2.54 8.48 33.16
N VAL A 643 -1.41 8.09 33.75
CA VAL A 643 -0.83 6.79 33.49
C VAL A 643 -0.59 5.96 34.76
N ALA A 644 -0.14 6.60 35.83
CA ALA A 644 0.20 5.93 37.09
C ALA A 644 -1.04 5.29 37.68
N ASP A 645 -0.86 4.17 38.37
CA ASP A 645 -1.97 3.51 39.06
C ASP A 645 -2.20 4.16 40.42
N SER A 646 -3.22 3.66 41.14
CA SER A 646 -3.65 4.17 42.48
C SER A 646 -2.53 4.21 43.52
N GLU A 647 -1.43 3.50 43.26
CA GLU A 647 -0.26 3.51 44.12
C GLU A 647 0.89 4.34 43.55
N GLY A 648 0.64 4.98 42.41
CA GLY A 648 1.63 5.81 41.74
C GLY A 648 2.71 5.06 40.97
N LYS A 649 2.51 3.77 40.73
CA LYS A 649 3.46 3.03 39.88
C LYS A 649 3.11 3.11 38.39
N ILE A 650 4.12 2.97 37.55
CA ILE A 650 3.92 3.00 36.11
C ILE A 650 3.70 1.56 35.60
N PRO A 651 2.60 1.30 34.89
CA PRO A 651 2.49 -0.04 34.30
C PRO A 651 3.51 -0.16 33.17
N VAL A 652 4.55 -0.97 33.38
CA VAL A 652 5.55 -1.23 32.35
C VAL A 652 5.23 -2.59 31.71
N ARG A 653 5.11 -2.61 30.39
CA ARG A 653 4.68 -3.83 29.70
C ARG A 653 5.72 -4.25 28.68
N ALA A 654 5.84 -5.57 28.50
CA ALA A 654 6.78 -6.14 27.51
C ALA A 654 6.02 -7.06 26.56
N TYR A 655 6.26 -6.87 25.26
CA TYR A 655 5.88 -7.79 24.20
C TYR A 655 7.13 -8.57 23.81
N SER A 656 6.96 -9.89 23.67
CA SER A 656 8.08 -10.75 23.36
C SER A 656 7.58 -12.06 22.83
N ASN A 657 8.38 -12.69 21.99
CA ASN A 657 8.04 -14.03 21.52
C ASN A 657 8.85 -15.10 22.26
N ALA A 658 9.68 -14.65 23.22
CA ALA A 658 10.50 -15.53 24.06
C ALA A 658 9.64 -16.25 25.10
N SER A 659 10.22 -17.14 25.89
CA SER A 659 9.45 -17.85 26.95
C SER A 659 9.27 -16.98 28.15
N SER A 660 10.32 -16.25 28.51
CA SER A 660 10.27 -15.39 29.69
C SER A 660 10.92 -14.06 29.45
N VAL A 661 10.48 -13.08 30.22
CA VAL A 661 11.10 -11.76 30.24
C VAL A 661 11.36 -11.37 31.69
N GLU A 662 12.58 -10.91 31.96
CA GLU A 662 12.89 -10.36 33.27
C GLU A 662 13.18 -8.84 33.20
N LEU A 663 12.41 -8.06 33.95
CA LEU A 663 12.61 -6.62 33.98
C LEU A 663 13.57 -6.16 35.10
N PHE A 664 14.56 -5.35 34.73
CA PHE A 664 15.51 -4.75 35.67
C PHE A 664 15.33 -3.22 35.69
N LEU A 665 15.38 -2.62 36.86
CA LEU A 665 15.44 -1.16 37.01
C LEU A 665 16.80 -0.77 37.61
N ASN A 666 17.60 -0.03 36.85
CA ASN A 666 18.96 0.36 37.30
C ASN A 666 19.74 -0.84 37.83
N GLY A 667 19.82 -1.90 37.04
CA GLY A 667 20.58 -3.09 37.40
C GLY A 667 19.88 -4.04 38.35
N LYS A 668 18.77 -3.64 38.97
CA LYS A 668 18.13 -4.46 39.99
C LYS A 668 16.87 -5.17 39.48
N SER A 669 16.82 -6.50 39.59
CA SER A 669 15.70 -7.28 39.08
C SER A 669 14.37 -6.98 39.76
N LEU A 670 13.31 -6.84 38.95
CA LEU A 670 11.97 -6.69 39.48
C LEU A 670 11.17 -7.97 39.28
N GLY A 671 11.84 -9.04 38.88
CA GLY A 671 11.16 -10.33 38.73
C GLY A 671 11.16 -10.85 37.31
N LEU A 672 11.45 -12.14 37.17
CA LEU A 672 11.30 -12.85 35.92
C LEU A 672 9.84 -13.26 35.84
N LYS A 673 9.23 -13.06 34.67
CA LYS A 673 7.86 -13.50 34.43
C LYS A 673 7.87 -14.38 33.21
N THR A 674 6.94 -15.33 33.19
CA THR A 674 6.92 -16.42 32.21
C THR A 674 5.58 -16.37 31.50
N PHE A 675 5.59 -16.50 30.17
CA PHE A 675 4.33 -16.56 29.42
C PHE A 675 3.66 -17.92 29.69
N ASN A 676 2.35 -17.89 29.91
N ASN A 676 2.35 -17.91 29.92
CA ASN A 676 1.52 -19.08 29.95
CA ASN A 676 1.56 -19.14 30.02
C ASN A 676 1.41 -19.69 28.54
C ASN A 676 1.31 -19.73 28.62
N LYS A 677 1.74 -20.97 28.41
CA LYS A 677 1.58 -21.69 27.12
C LYS A 677 0.20 -22.33 27.04
N LYS A 678 -0.47 -22.17 25.89
CA LYS A 678 -1.82 -22.68 25.69
C LYS A 678 -1.95 -23.30 24.30
N GLN A 679 -3.07 -24.00 24.07
CA GLN A 679 -3.37 -24.54 22.75
C GLN A 679 -4.75 -24.13 22.30
N THR A 680 -4.88 -23.82 21.01
CA THR A 680 -6.20 -23.57 20.43
C THR A 680 -6.99 -24.89 20.43
N SER A 681 -8.32 -24.81 20.50
CA SER A 681 -9.20 -26.02 20.45
C SER A 681 -8.91 -26.97 19.28
N ASP A 682 -8.03 -26.58 18.37
CA ASP A 682 -7.60 -27.46 17.28
C ASP A 682 -6.12 -27.76 17.36
N GLY A 683 -5.49 -27.49 18.50
CA GLY A 683 -4.10 -27.91 18.76
C GLY A 683 -2.93 -27.01 18.35
N ARG A 684 -3.23 -25.75 18.01
CA ARG A 684 -2.16 -24.75 17.73
C ARG A 684 -1.67 -24.09 19.05
N THR A 685 -0.34 -23.97 19.16
CA THR A 685 0.31 -23.38 20.33
C THR A 685 0.33 -21.84 20.31
N TYR A 686 0.14 -21.25 21.49
CA TYR A 686 0.30 -19.82 21.66
C TYR A 686 0.67 -19.46 23.09
N GLN A 687 1.15 -18.22 23.26
CA GLN A 687 1.55 -17.67 24.56
C GLN A 687 0.67 -16.48 24.93
N GLU A 688 0.35 -16.37 26.23
CA GLU A 688 -0.31 -15.19 26.76
C GLU A 688 0.28 -14.85 28.13
N GLY A 689 -0.07 -13.67 28.65
CA GLY A 689 0.37 -13.23 29.98
C GLY A 689 -0.56 -13.68 31.11
N ALA A 690 -0.72 -12.82 32.12
CA ALA A 690 -1.53 -13.12 33.29
C ALA A 690 -2.95 -13.66 32.99
N ASN A 691 -3.57 -13.26 31.88
CA ASN A 691 -4.89 -13.78 31.56
C ASN A 691 -5.12 -13.77 30.04
N ALA A 692 -6.30 -14.22 29.62
CA ALA A 692 -6.63 -14.34 28.20
C ALA A 692 -6.57 -13.00 27.45
N ASN A 693 -6.80 -11.91 28.19
CA ASN A 693 -6.83 -10.58 27.59
C ASN A 693 -5.51 -9.83 27.65
N GLU A 694 -4.42 -10.51 28.00
CA GLU A 694 -3.12 -9.85 28.11
C GLU A 694 -2.07 -10.64 27.38
N LEU A 695 -1.54 -10.06 26.31
CA LEU A 695 -0.55 -10.72 25.49
C LEU A 695 0.85 -10.32 25.91
N TYR A 696 0.92 -9.31 26.79
CA TYR A 696 2.17 -8.81 27.35
C TYR A 696 2.44 -9.37 28.75
N LEU A 697 3.65 -9.14 29.24
CA LEU A 697 3.94 -9.29 30.65
C LEU A 697 4.03 -7.88 31.26
N GLU A 698 3.50 -7.70 32.46
CA GLU A 698 3.40 -6.38 33.07
C GLU A 698 4.12 -6.33 34.43
N TRP A 699 4.77 -5.21 34.71
CA TRP A 699 5.30 -4.88 36.01
C TRP A 699 4.76 -3.49 36.39
N LYS A 700 4.22 -3.37 37.61
CA LYS A 700 3.88 -2.08 38.16
C LYS A 700 5.15 -1.54 38.82
N VAL A 701 5.77 -0.54 38.20
CA VAL A 701 7.07 -0.06 38.65
C VAL A 701 6.98 1.34 39.23
N ALA A 702 7.41 1.48 40.47
CA ALA A 702 7.44 2.75 41.15
C ALA A 702 8.54 3.56 40.46
N TYR A 703 8.25 4.83 40.20
CA TYR A 703 9.11 5.62 39.32
C TYR A 703 10.45 6.05 39.91
N GLN A 704 11.52 5.42 39.42
N GLN A 704 11.53 5.45 39.42
CA GLN A 704 12.88 5.84 39.70
CA GLN A 704 12.85 5.90 39.77
C GLN A 704 13.52 6.11 38.35
C GLN A 704 13.60 6.08 38.45
N PRO A 705 14.00 7.34 38.12
CA PRO A 705 14.74 7.70 36.92
C PRO A 705 15.96 6.79 36.70
N GLY A 706 16.29 6.52 35.44
CA GLY A 706 17.42 5.68 35.11
C GLY A 706 17.05 4.79 33.94
N THR A 707 17.32 3.49 34.10
CA THR A 707 17.23 2.54 33.02
C THR A 707 16.35 1.33 33.34
N LEU A 708 15.40 1.06 32.45
CA LEU A 708 14.68 -0.20 32.46
C LEU A 708 15.31 -1.08 31.41
N GLU A 709 15.61 -2.30 31.78
CA GLU A 709 16.19 -3.23 30.83
C GLU A 709 15.45 -4.54 31.00
N ALA A 710 15.07 -5.12 29.87
CA ALA A 710 14.32 -6.37 29.87
C ALA A 710 15.17 -7.43 29.19
N ILE A 711 15.33 -8.58 29.87
CA ILE A 711 16.09 -9.74 29.33
C ILE A 711 15.09 -10.82 28.94
N ALA A 712 15.06 -11.14 27.66
CA ALA A 712 14.18 -12.18 27.16
C ALA A 712 14.95 -13.51 26.98
N ARG A 713 14.34 -14.58 27.47
CA ARG A 713 15.01 -15.88 27.50
C ARG A 713 14.18 -17.00 26.90
N ASP A 714 14.87 -17.97 26.27
CA ASP A 714 14.25 -19.22 25.84
C ASP A 714 13.89 -20.11 27.06
N GLU A 715 13.17 -21.22 26.81
CA GLU A 715 12.73 -22.14 27.88
C GLU A 715 13.90 -22.62 28.74
N SER A 716 15.06 -22.82 28.11
CA SER A 716 16.20 -23.28 28.88
C SER A 716 16.90 -22.15 29.68
N GLY A 717 16.33 -20.95 29.69
CA GLY A 717 16.91 -19.84 30.47
C GLY A 717 18.05 -19.11 29.76
N LYS A 718 18.23 -19.35 28.48
CA LYS A 718 19.24 -18.66 27.70
C LYS A 718 18.72 -17.30 27.13
N GLU A 719 19.49 -16.22 27.34
CA GLU A 719 19.12 -14.92 26.81
C GLU A 719 19.05 -14.92 25.27
N ILE A 720 17.94 -14.47 24.72
CA ILE A 720 17.79 -14.43 23.28
C ILE A 720 17.51 -13.03 22.74
N ALA A 721 17.17 -12.09 23.63
CA ALA A 721 16.86 -10.73 23.22
C ALA A 721 16.90 -9.79 24.42
N ARG A 722 17.13 -8.51 24.15
CA ARG A 722 17.14 -7.42 25.16
C ARG A 722 16.39 -6.21 24.63
N ASP A 723 15.86 -5.41 25.54
CA ASP A 723 15.38 -4.09 25.19
C ASP A 723 15.62 -3.15 26.36
N LYS A 724 15.84 -1.87 26.08
CA LYS A 724 16.31 -0.93 27.11
C LYS A 724 15.60 0.41 26.93
N ILE A 725 15.13 1.01 28.02
N ILE A 725 15.14 1.00 28.04
CA ILE A 725 14.67 2.39 27.96
CA ILE A 725 14.62 2.36 28.05
C ILE A 725 15.29 3.24 29.05
C ILE A 725 15.34 3.22 29.08
N THR A 726 15.81 4.40 28.67
CA THR A 726 16.50 5.31 29.59
C THR A 726 15.78 6.64 29.78
N THR A 727 15.73 7.13 31.03
CA THR A 727 15.26 8.47 31.32
C THR A 727 16.17 9.47 30.63
N ALA A 728 15.61 10.35 29.83
CA ALA A 728 16.39 11.39 29.15
C ALA A 728 16.46 12.68 30.00
N GLY A 729 17.59 13.39 29.87
CA GLY A 729 17.71 14.72 30.46
C GLY A 729 17.04 15.71 29.51
N LYS A 730 17.39 16.98 29.64
CA LYS A 730 16.84 18.00 28.79
C LYS A 730 17.43 17.97 27.38
N PRO A 731 16.66 18.38 26.37
CA PRO A 731 17.19 18.43 25.02
C PRO A 731 18.54 19.11 24.98
N ALA A 732 19.46 18.52 24.21
CA ALA A 732 20.82 19.08 24.03
C ALA A 732 21.23 19.15 22.54
N ALA A 733 20.61 18.33 21.70
CA ALA A 733 21.09 18.13 20.34
C ALA A 733 20.02 17.52 19.46
N VAL A 734 20.05 17.83 18.17
CA VAL A 734 19.31 17.10 17.17
C VAL A 734 20.23 16.00 16.63
N ARG A 735 19.78 14.75 16.61
CA ARG A 735 20.56 13.66 15.97
C ARG A 735 19.88 13.12 14.69
N LEU A 736 20.63 12.89 13.64
CA LEU A 736 20.11 12.36 12.39
C LEU A 736 20.55 10.92 12.20
N ILE A 737 19.60 10.04 11.86
CA ILE A 737 19.82 8.59 11.68
C ILE A 737 19.46 8.24 10.23
N LYS A 738 20.46 7.81 9.47
CA LYS A 738 20.30 7.32 8.10
C LYS A 738 19.73 5.91 8.06
N GLU A 739 18.74 5.67 7.19
CA GLU A 739 18.34 4.29 6.88
C GLU A 739 19.27 3.71 5.79
N ASP A 740 19.84 4.57 4.96
CA ASP A 740 20.65 4.15 3.82
C ASP A 740 21.97 4.87 3.84
N HIS A 741 23.06 4.14 3.62
CA HIS A 741 24.33 4.81 3.41
C HIS A 741 24.41 5.43 2.02
N ALA A 742 23.69 4.86 1.06
CA ALA A 742 23.73 5.30 -0.33
C ALA A 742 22.44 4.91 -1.03
N ILE A 743 22.06 5.64 -2.05
CA ILE A 743 20.89 5.27 -2.83
C ILE A 743 21.25 5.49 -4.30
N ALA A 744 20.37 5.08 -5.20
CA ALA A 744 20.68 5.20 -6.62
C ALA A 744 20.53 6.65 -7.11
N ALA A 745 21.37 7.03 -8.08
CA ALA A 745 21.28 8.33 -8.74
C ALA A 745 20.38 8.29 -9.99
N ASP A 746 19.11 7.93 -9.80
CA ASP A 746 18.15 7.80 -10.90
C ASP A 746 17.02 8.83 -10.82
N GLY A 747 17.11 9.77 -9.88
CA GLY A 747 16.05 10.76 -9.68
C GLY A 747 14.72 10.18 -9.23
N LYS A 748 14.72 8.94 -8.76
CA LYS A 748 13.52 8.22 -8.38
C LYS A 748 13.65 7.65 -6.98
N ASP A 749 14.81 7.02 -6.72
CA ASP A 749 15.12 6.47 -5.45
C ASP A 749 15.12 7.60 -4.41
N LEU A 750 14.81 7.26 -3.17
CA LEU A 750 14.91 8.25 -2.13
C LEU A 750 15.38 7.62 -0.79
N THR A 751 15.56 8.43 0.24
CA THR A 751 15.98 7.88 1.52
C THR A 751 15.25 8.59 2.66
N TYR A 752 15.05 7.86 3.75
CA TYR A 752 14.40 8.39 4.92
C TYR A 752 15.46 8.63 5.97
N ILE A 753 15.59 9.87 6.44
CA ILE A 753 16.53 10.20 7.49
C ILE A 753 15.70 10.70 8.68
N TYR A 754 15.76 9.95 9.77
CA TYR A 754 15.11 10.33 11.01
C TYR A 754 15.91 11.38 11.76
N TYR A 755 15.20 12.25 12.46
CA TYR A 755 15.81 13.17 13.40
C TYR A 755 15.22 12.93 14.76
N GLU A 756 16.07 13.01 15.78
CA GLU A 756 15.67 12.82 17.18
C GLU A 756 16.16 13.99 17.99
N ILE A 757 15.41 14.33 19.03
CA ILE A 757 15.91 15.25 20.02
C ILE A 757 16.54 14.43 21.12
N VAL A 758 17.84 14.63 21.34
CA VAL A 758 18.60 13.84 22.33
C VAL A 758 19.13 14.74 23.44
N ASP A 759 19.28 14.16 24.63
CA ASP A 759 19.96 14.82 25.74
C ASP A 759 21.45 14.75 25.55
N SER A 760 22.22 15.25 26.52
CA SER A 760 23.69 15.30 26.35
C SER A 760 24.36 13.93 26.35
N GLN A 761 23.67 12.89 26.81
N GLN A 761 23.63 12.91 26.80
CA GLN A 761 24.23 11.54 26.79
CA GLN A 761 24.11 11.54 26.88
C GLN A 761 23.70 10.75 25.59
C GLN A 761 23.64 10.74 25.66
N GLY A 762 22.86 11.38 24.79
CA GLY A 762 22.40 10.74 23.55
C GLY A 762 21.12 9.92 23.68
N ASN A 763 20.42 10.05 24.80
CA ASN A 763 19.06 9.46 24.89
C ASN A 763 18.02 10.31 24.19
N VAL A 764 17.08 9.65 23.52
CA VAL A 764 15.94 10.33 22.95
C VAL A 764 15.05 10.92 24.05
N VAL A 765 14.69 12.20 23.89
CA VAL A 765 13.81 12.88 24.82
C VAL A 765 12.39 12.61 24.34
N PRO A 766 11.67 11.73 25.05
CA PRO A 766 10.46 11.16 24.47
C PRO A 766 9.31 12.13 24.43
N THR A 767 9.43 13.28 25.07
CA THR A 767 8.33 14.26 25.02
C THR A 767 8.64 15.48 24.17
N ALA A 768 9.82 15.50 23.56
CA ALA A 768 10.38 16.72 22.95
C ALA A 768 9.65 17.20 21.69
N ASN A 769 9.21 18.44 21.56
N ASN A 769 9.19 18.43 21.55
CA ASN A 769 8.49 18.89 20.35
CA ASN A 769 8.48 18.83 20.33
C ASN A 769 9.24 19.98 19.60
C ASN A 769 9.22 19.96 19.61
N ASN A 770 10.53 20.08 19.86
CA ASN A 770 11.44 21.08 19.29
C ASN A 770 11.37 21.27 17.79
N LEU A 771 11.45 22.52 17.37
CA LEU A 771 11.40 22.84 15.95
C LEU A 771 12.75 22.59 15.35
N VAL A 772 12.78 21.95 14.19
CA VAL A 772 14.06 21.62 13.57
C VAL A 772 14.07 22.29 12.20
N ARG A 773 15.21 22.89 11.84
CA ARG A 773 15.39 23.45 10.51
C ARG A 773 16.41 22.63 9.73
N PHE A 774 16.14 22.39 8.46
CA PHE A 774 16.97 21.51 7.64
C PHE A 774 17.63 22.23 6.47
N GLN A 775 18.88 21.87 6.21
CA GLN A 775 19.59 22.32 5.04
C GLN A 775 19.99 21.10 4.24
N LEU A 776 19.81 21.15 2.94
CA LEU A 776 20.34 20.10 2.06
C LEU A 776 21.36 20.62 1.03
N HIS A 777 22.49 19.95 0.91
CA HIS A 777 23.47 20.29 -0.10
C HIS A 777 23.81 19.07 -0.91
N GLY A 778 24.19 19.30 -2.15
CA GLY A 778 24.63 18.24 -3.03
C GLY A 778 23.54 17.66 -3.90
N GLN A 779 23.76 16.43 -4.34
CA GLN A 779 22.98 15.84 -5.40
C GLN A 779 21.76 15.14 -4.82
N GLY A 780 20.88 15.93 -4.21
CA GLY A 780 19.63 15.42 -3.69
C GLY A 780 18.56 16.50 -3.64
N GLN A 781 17.34 16.15 -3.25
CA GLN A 781 16.20 17.04 -3.25
C GLN A 781 15.25 16.67 -2.09
N LEU A 782 15.09 17.58 -1.13
CA LEU A 782 14.12 17.35 -0.06
C LEU A 782 12.75 17.22 -0.66
N VAL A 783 12.00 16.21 -0.23
CA VAL A 783 10.63 15.99 -0.77
C VAL A 783 9.59 15.73 0.33
N GLY A 784 10.00 15.83 1.58
CA GLY A 784 9.02 15.74 2.63
C GLY A 784 9.64 15.82 4.02
N VAL A 785 8.87 16.37 4.95
CA VAL A 785 9.12 16.25 6.37
C VAL A 785 7.82 15.87 7.11
N ASP A 786 7.97 15.09 8.19
CA ASP A 786 6.81 14.54 8.88
C ASP A 786 7.19 14.12 10.30
N ASN A 787 6.23 14.18 11.23
CA ASN A 787 6.40 13.62 12.55
C ASN A 787 5.22 12.73 12.95
N GLY A 788 4.28 12.50 12.04
CA GLY A 788 3.16 11.59 12.30
C GLY A 788 2.11 12.09 13.32
N GLU A 789 2.32 13.27 13.89
CA GLU A 789 1.39 13.75 14.90
C GLU A 789 0.03 14.10 14.25
N GLN A 790 -1.03 13.51 14.75
CA GLN A 790 -2.34 13.66 14.11
C GLN A 790 -2.79 15.11 14.16
N ALA A 791 -2.60 15.77 15.30
CA ALA A 791 -3.12 17.13 15.52
C ALA A 791 -2.25 18.23 14.90
N SER A 792 -1.15 17.87 14.27
CA SER A 792 -0.25 18.85 13.69
C SER A 792 -0.86 19.42 12.42
N ARG A 793 -0.70 20.72 12.24
CA ARG A 793 -1.10 21.34 10.97
C ARG A 793 0.10 21.85 10.22
N GLU A 794 1.28 21.32 10.56
CA GLU A 794 2.51 21.69 9.89
C GLU A 794 2.55 21.30 8.41
N ARG A 795 3.31 22.06 7.63
CA ARG A 795 3.49 21.68 6.25
C ARG A 795 4.31 20.38 6.20
N TYR A 796 3.94 19.51 5.25
CA TYR A 796 4.78 18.35 4.85
C TYR A 796 5.88 18.75 3.86
N LYS A 797 5.72 19.93 3.25
CA LYS A 797 6.61 20.33 2.16
C LYS A 797 7.37 21.59 2.56
N ALA A 798 8.13 22.16 1.63
CA ALA A 798 8.81 23.43 1.85
C ALA A 798 7.85 24.55 2.32
N GLN A 799 8.35 25.42 3.19
CA GLN A 799 7.66 26.66 3.53
C GLN A 799 7.61 27.59 2.30
N ALA A 800 6.82 28.66 2.36
CA ALA A 800 6.67 29.62 1.24
C ALA A 800 7.97 30.35 0.90
N ASP A 801 8.89 30.45 1.86
CA ASP A 801 10.16 31.07 1.60
C ASP A 801 11.19 30.06 1.16
N GLY A 802 10.77 28.83 0.85
CA GLY A 802 11.74 27.77 0.41
C GLY A 802 12.44 27.01 1.56
N SER A 803 12.18 27.40 2.81
CA SER A 803 12.88 26.74 3.90
C SER A 803 12.19 25.40 4.21
N TRP A 804 12.91 24.53 4.94
CA TRP A 804 12.39 23.23 5.36
C TRP A 804 12.52 23.08 6.85
N ILE A 805 11.38 22.92 7.50
CA ILE A 805 11.30 22.88 8.93
C ILE A 805 10.23 21.88 9.34
N ARG A 806 10.37 21.35 10.56
CA ARG A 806 9.39 20.47 11.14
C ARG A 806 9.69 20.29 12.61
N LYS A 807 8.66 20.23 13.43
CA LYS A 807 8.87 19.92 14.83
C LYS A 807 9.08 18.41 15.00
N ALA A 808 9.92 18.05 15.95
CA ALA A 808 9.87 16.71 16.53
C ALA A 808 8.48 16.52 17.09
N PHE A 809 7.97 15.30 17.10
CA PHE A 809 6.85 14.94 17.93
C PHE A 809 7.24 13.74 18.77
N ASN A 810 7.09 13.87 20.08
CA ASN A 810 7.56 12.87 21.06
C ASN A 810 8.97 12.40 20.77
N GLY A 811 9.86 13.37 20.57
CA GLY A 811 11.27 13.07 20.33
C GLY A 811 11.69 12.89 18.89
N LYS A 812 10.74 12.64 17.98
CA LYS A 812 11.16 12.16 16.64
C LYS A 812 10.42 12.73 15.44
N GLY A 813 11.06 12.62 14.28
CA GLY A 813 10.38 12.80 13.01
C GLY A 813 11.25 12.28 11.86
N VAL A 814 10.85 12.55 10.62
CA VAL A 814 11.63 12.08 9.48
C VAL A 814 11.72 13.16 8.39
N ALA A 815 12.83 13.19 7.69
CA ALA A 815 12.98 13.96 6.43
C ALA A 815 13.19 12.98 5.28
N ILE A 816 12.63 13.30 4.11
CA ILE A 816 12.69 12.43 2.95
C ILE A 816 13.43 13.15 1.85
N VAL A 817 14.46 12.49 1.28
CA VAL A 817 15.31 13.12 0.28
C VAL A 817 15.34 12.25 -0.97
N LYS A 818 14.95 12.79 -2.12
CA LYS A 818 14.99 12.07 -3.39
C LYS A 818 16.35 12.33 -4.06
N SER A 819 16.86 11.35 -4.80
CA SER A 819 18.14 11.48 -5.50
C SER A 819 17.96 12.35 -6.74
N THR A 820 19.07 12.73 -7.36
CA THR A 820 18.99 13.30 -8.69
C THR A 820 19.53 12.25 -9.66
N GLU A 821 19.75 12.66 -10.89
CA GLU A 821 20.34 11.78 -11.88
C GLU A 821 21.84 11.93 -11.91
N GLN A 822 22.38 12.82 -11.09
CA GLN A 822 23.84 12.93 -10.99
C GLN A 822 24.37 12.14 -9.82
N ALA A 823 25.33 11.25 -10.08
CA ALA A 823 26.07 10.59 -8.99
C ALA A 823 26.75 11.64 -8.10
N GLY A 824 26.97 11.32 -6.84
CA GLY A 824 27.72 12.17 -5.92
C GLY A 824 27.33 11.86 -4.48
N LYS A 825 26.89 12.91 -3.78
CA LYS A 825 26.41 12.79 -2.41
C LYS A 825 25.49 13.94 -2.08
N PHE A 826 24.75 13.82 -0.98
CA PHE A 826 24.07 14.95 -0.41
C PHE A 826 24.24 14.91 1.07
N THR A 827 24.21 16.08 1.68
CA THR A 827 24.39 16.22 3.12
C THR A 827 23.13 16.88 3.67
N LEU A 828 22.55 16.26 4.67
CA LEU A 828 21.41 16.85 5.36
C LEU A 828 21.94 17.37 6.71
N THR A 829 21.71 18.66 6.95
CA THR A 829 22.07 19.33 8.22
C THR A 829 20.78 19.76 8.94
N ALA A 830 20.77 19.54 10.25
CA ALA A 830 19.61 19.80 11.08
C ALA A 830 20.00 20.77 12.17
N HIS A 831 19.16 21.78 12.38
CA HIS A 831 19.42 22.76 13.40
C HIS A 831 18.21 22.92 14.28
N SER A 832 18.46 23.26 15.54
CA SER A 832 17.35 23.62 16.41
C SER A 832 17.84 24.62 17.43
N ASP A 833 16.92 25.55 17.77
CA ASP A 833 17.19 26.64 18.69
C ASP A 833 17.89 26.21 20.00
N LEU A 834 19.12 26.69 20.21
CA LEU A 834 19.94 26.40 21.39
C LEU A 834 20.36 24.92 21.56
N LEU A 835 20.25 24.11 20.50
CA LEU A 835 20.70 22.73 20.57
C LEU A 835 21.90 22.57 19.65
N LYS A 836 22.68 21.52 19.86
CA LYS A 836 23.76 21.18 18.97
C LYS A 836 23.17 20.70 17.62
N SER A 837 23.72 21.20 16.52
CA SER A 837 23.38 20.77 15.17
C SER A 837 24.01 19.41 14.81
N ASN A 838 23.47 18.77 13.78
N ASN A 838 23.46 18.78 13.77
CA ASN A 838 24.11 17.59 13.22
CA ASN A 838 23.99 17.53 13.22
C ASN A 838 23.85 17.40 11.74
C ASN A 838 23.89 17.49 11.70
N GLN A 839 24.79 16.73 11.08
CA GLN A 839 24.66 16.42 9.66
C GLN A 839 24.94 14.94 9.37
N VAL A 840 24.32 14.44 8.30
CA VAL A 840 24.70 13.17 7.73
C VAL A 840 24.87 13.31 6.22
N THR A 841 25.68 12.42 5.66
CA THR A 841 25.91 12.39 4.24
C THR A 841 25.46 11.04 3.69
N VAL A 842 24.74 11.07 2.57
CA VAL A 842 24.30 9.86 1.87
C VAL A 842 24.88 9.91 0.47
N PHE A 843 25.48 8.81 0.03
CA PHE A 843 26.08 8.80 -1.29
C PHE A 843 25.05 8.43 -2.35
N THR A 844 25.25 8.90 -3.59
CA THR A 844 24.37 8.50 -4.68
C THR A 844 25.18 7.99 -5.88
N GLY A 845 24.64 6.97 -6.54
CA GLY A 845 25.27 6.45 -7.72
C GLY A 845 24.64 5.19 -8.29
N LYS A 846 25.44 4.12 -8.33
N LYS A 846 25.45 4.13 -8.38
CA LYS A 846 25.05 2.87 -8.96
CA LYS A 846 25.03 2.89 -9.02
C LYS A 846 23.89 2.23 -8.19
C LYS A 846 23.90 2.24 -8.22
N LYS A 847 22.94 1.65 -8.92
CA LYS A 847 21.86 0.82 -8.29
C LYS A 847 22.37 -0.61 -7.97
N GLU A 848 21.84 -1.26 -6.93
CA GLU A 848 22.11 -2.70 -6.73
C GLU A 848 21.73 -3.49 -7.97
#